data_5YVU
#
_entry.id   5YVU
#
_cell.length_a   53.059
_cell.length_b   85.627
_cell.length_c   85.508
_cell.angle_alpha   90.00
_cell.angle_beta   97.95
_cell.angle_gamma   90.00
#
_symmetry.space_group_name_H-M   'P 1 21 1'
#
loop_
_entity.id
_entity.type
_entity.pdbx_description
1 polymer 'Genome polyprotein'
2 polymer 'Genome polyprotein'
3 polymer 'Pancreatic trypsin inhibitor'
4 non-polymer GLYCEROL
5 water water
#
loop_
_entity_poly.entity_id
_entity_poly.type
_entity_poly.pdbx_seq_one_letter_code
_entity_poly.pdbx_strand_id
1 'polypeptide(L)'
;GGGGSGGGGSGALWDVPSPAATQKATLSEGVYRIMQRGLFGKTQVGVGIHMEGVFHTMWHVTRGSVICHETGRLEPSWAD
VRNDMISYGGGWRLGDKWDKEEDVQVLAIEPGKNPKHVQTKPGLFKTLTGEIGAVTLDFKPGTAGSPIINKKGKVIGLYG
NGVVTKSGDYVSAITQAERIGEPDYEVDEDIFRKKRLTIMDLHPGAGKTKRILPSIVREALKRRLRTLILAPTRVVAAEM
EEALRGLPIRYQTPAVKSEHTGREIVDLMCHATFTTRLLSSTRVPNYNLIVMDEAHFTDPCSVAARGYISTRVEMGEAAA
IFMTATPPGSIDPFPQSNSPIEDIEREIPERSWNTGFDWITDYQGKTVWFVPSIKAGNDIANCLRKSGKKVIQLSRKTFD
TEYPKTKLTDWDFVVTTDISEMGANFRAGRVIDPRRCLKPVILTDGPERVILAGPIPVTPASAAQRRGRIGRNPAQEDDQ
YVFSGDPLKNDEDHAHWTEAKMLLDNIYTPEGIIPTLFGPEREKTQAIDGEFRLRGEQRKTFVELMRRGDLPVWLSYKVA
SAGISYKDREWCFTGERNNQILEENMEVEIWTREGEKKKLRPKWLDARVYADPMALKDFKEFASGRK
;
B
2 'polypeptide(L)' FKPGTSGSADLSLEKAANVQWDEMADITGSSPIIEVKQDEDGSFSIRDVEETNMI A
3 'polypeptide(L)' RPDFCLEPPYTGPCKARIIRYFYNAKAGLCQTFVYGGCRAKRNNFKSAEDCMRTC I
#
loop_
_chem_comp.id
_chem_comp.type
_chem_comp.name
_chem_comp.formula
GOL non-polymer GLYCEROL 'C3 H8 O3'
#
# COMPACT_ATOMS: atom_id res chain seq x y z
N GLY A 11 12.65 -7.56 12.91
CA GLY A 11 11.73 -6.49 13.21
C GLY A 11 10.57 -6.41 12.23
N ALA A 12 10.00 -5.22 12.08
CA ALA A 12 8.88 -5.02 11.18
C ALA A 12 9.07 -3.79 10.32
N LEU A 13 8.41 -3.76 9.17
CA LEU A 13 8.48 -2.62 8.26
C LEU A 13 7.26 -1.71 8.45
N TRP A 14 7.21 -0.63 7.67
CA TRP A 14 6.08 0.30 7.73
C TRP A 14 5.46 0.47 6.35
N ASP A 15 4.52 1.41 6.22
CA ASP A 15 3.79 1.58 4.98
C ASP A 15 3.27 3.00 4.76
N VAL A 16 3.91 3.71 3.83
CA VAL A 16 3.44 5.00 3.34
C VAL A 16 3.95 5.21 1.91
N PRO A 17 3.11 5.80 1.03
CA PRO A 17 3.44 6.11 -0.36
C PRO A 17 4.84 6.71 -0.53
N LEU A 27 16.80 16.59 5.22
CA LEU A 27 18.24 16.55 5.48
C LEU A 27 18.62 17.43 6.66
N SER A 28 19.47 16.90 7.53
CA SER A 28 19.96 17.62 8.70
C SER A 28 21.06 16.80 9.39
N GLU A 29 21.48 17.22 10.59
CA GLU A 29 22.57 16.54 11.28
C GLU A 29 22.58 16.78 12.79
N GLY A 30 22.62 15.69 13.55
CA GLY A 30 22.75 15.78 15.00
C GLY A 30 21.62 15.10 15.76
N VAL A 31 21.57 15.34 17.07
CA VAL A 31 20.47 14.86 17.90
C VAL A 31 19.43 15.96 18.06
N TYR A 32 18.18 15.58 18.28
CA TYR A 32 17.09 16.56 18.28
C TYR A 32 16.12 16.40 19.43
N ARG A 33 15.53 17.51 19.84
CA ARG A 33 14.45 17.50 20.82
C ARG A 33 13.12 17.30 20.14
N ILE A 34 12.50 16.14 20.34
CA ILE A 34 11.18 15.88 19.79
C ILE A 34 10.14 16.70 20.56
N MET A 35 9.63 17.75 19.93
CA MET A 35 8.71 18.67 20.59
C MET A 35 7.26 18.42 20.16
N GLN A 36 6.33 18.75 21.04
CA GLN A 36 4.90 18.58 20.74
C GLN A 36 4.14 19.88 20.96
N ARG A 37 3.10 20.09 20.18
CA ARG A 37 2.27 21.28 20.31
C ARG A 37 1.33 21.18 21.50
N GLY A 38 0.32 20.33 21.37
CA GLY A 38 -0.65 20.13 22.44
C GLY A 38 -1.71 19.12 22.07
N LYS A 42 4.94 24.48 23.19
CA LYS A 42 6.16 23.84 22.72
C LYS A 42 6.76 22.93 23.79
N THR A 43 6.04 21.85 24.10
CA THR A 43 6.48 20.86 25.07
C THR A 43 7.53 19.93 24.47
N GLN A 44 8.44 19.43 25.29
CA GLN A 44 9.37 18.39 24.87
C GLN A 44 8.90 17.02 25.34
N VAL A 45 8.79 16.07 24.42
CA VAL A 45 8.31 14.74 24.76
C VAL A 45 9.40 13.67 24.64
N GLY A 46 10.45 13.97 23.87
CA GLY A 46 11.53 13.00 23.67
C GLY A 46 12.73 13.50 22.89
N VAL A 47 13.67 12.59 22.66
CA VAL A 47 14.91 12.91 21.96
C VAL A 47 15.16 11.89 20.83
N GLY A 48 15.85 12.31 19.77
CA GLY A 48 16.17 11.43 18.67
C GLY A 48 17.54 11.70 18.06
N ILE A 49 18.03 10.77 17.25
CA ILE A 49 19.35 10.91 16.63
C ILE A 49 19.29 10.69 15.12
N HIS A 50 19.68 11.71 14.35
CA HIS A 50 19.75 11.57 12.90
C HIS A 50 21.14 11.09 12.48
N MET A 51 21.24 9.81 12.18
CA MET A 51 22.49 9.20 11.73
C MET A 51 22.31 8.50 10.39
N GLU A 52 23.29 8.68 9.50
CA GLU A 52 23.35 7.99 8.22
C GLU A 52 22.22 8.42 7.27
N GLY A 53 21.37 9.32 7.75
CA GLY A 53 20.24 9.80 6.96
C GLY A 53 18.95 9.18 7.46
N VAL A 54 18.98 8.73 8.70
CA VAL A 54 17.83 8.11 9.34
C VAL A 54 17.62 8.67 10.75
N PHE A 55 16.38 9.00 11.08
CA PHE A 55 16.06 9.47 12.42
C PHE A 55 15.81 8.31 13.39
N HIS A 56 16.71 8.14 14.34
CA HIS A 56 16.59 7.10 15.36
C HIS A 56 15.88 7.63 16.60
N THR A 57 14.86 6.92 17.07
CA THR A 57 14.21 7.25 18.34
C THR A 57 13.49 6.06 18.96
N MET A 58 12.90 6.28 20.12
CA MET A 58 12.24 5.22 20.87
C MET A 58 10.74 5.17 20.58
N TRP A 59 10.17 3.96 20.66
CA TRP A 59 8.78 3.74 20.27
C TRP A 59 7.76 4.41 21.20
N HIS A 60 8.03 4.38 22.51
CA HIS A 60 7.06 4.92 23.47
C HIS A 60 7.01 6.44 23.44
N VAL A 61 7.94 7.04 22.69
CA VAL A 61 8.01 8.50 22.59
C VAL A 61 7.04 9.03 21.54
N THR A 62 6.95 8.34 20.40
CA THR A 62 6.13 8.81 19.29
C THR A 62 5.04 7.82 18.90
N ARG A 63 5.34 6.53 19.00
CA ARG A 63 4.41 5.47 18.64
C ARG A 63 3.95 5.57 17.18
N GLY A 64 4.82 6.05 16.31
CA GLY A 64 4.55 6.10 14.89
C GLY A 64 3.98 7.41 14.40
N SER A 65 3.88 8.40 15.27
CA SER A 65 3.37 9.71 14.90
C SER A 65 4.30 10.39 13.89
N VAL A 66 3.74 11.25 13.05
CA VAL A 66 4.53 11.91 12.01
C VAL A 66 5.52 12.90 12.59
N ILE A 67 6.68 13.00 11.96
CA ILE A 67 7.72 13.94 12.40
C ILE A 67 7.74 15.17 11.49
N CYS A 68 6.95 16.17 11.85
CA CYS A 68 6.85 17.40 11.06
C CYS A 68 7.97 18.38 11.40
N HIS A 69 8.61 18.90 10.37
CA HIS A 69 9.72 19.84 10.53
C HIS A 69 9.82 20.74 9.29
N GLU A 70 10.66 21.78 9.38
CA GLU A 70 10.90 22.69 8.27
C GLU A 70 11.32 21.95 7.00
N THR A 71 12.16 20.94 7.15
CA THR A 71 12.70 20.20 6.01
C THR A 71 11.65 19.29 5.37
N GLY A 72 10.49 19.18 6.01
CA GLY A 72 9.41 18.37 5.47
C GLY A 72 8.75 17.51 6.52
N ARG A 73 8.61 16.22 6.22
CA ARG A 73 7.99 15.29 7.15
C ARG A 73 8.69 13.93 7.13
N LEU A 74 8.74 13.28 8.29
CA LEU A 74 9.34 11.95 8.38
C LEU A 74 8.31 10.94 8.87
N GLU A 75 8.27 9.79 8.21
CA GLU A 75 7.31 8.74 8.54
C GLU A 75 8.03 7.47 8.98
N PRO A 76 7.34 6.63 9.79
CA PRO A 76 7.92 5.36 10.26
C PRO A 76 8.41 4.47 9.12
N SER A 77 9.40 3.63 9.41
CA SER A 77 9.94 2.70 8.43
C SER A 77 10.23 1.35 9.07
N TRP A 78 11.00 1.37 10.15
CA TRP A 78 11.32 0.17 10.92
C TRP A 78 10.80 0.35 12.35
N ALA A 79 10.11 -0.67 12.86
CA ALA A 79 9.50 -0.56 14.18
C ALA A 79 9.56 -1.87 14.96
N ASP A 80 10.37 -1.89 16.02
CA ASP A 80 10.46 -3.04 16.89
C ASP A 80 9.87 -2.71 18.25
N VAL A 81 8.56 -2.89 18.38
CA VAL A 81 7.84 -2.55 19.60
C VAL A 81 8.32 -3.39 20.78
N ARG A 82 8.70 -4.64 20.51
CA ARG A 82 9.19 -5.54 21.54
C ARG A 82 10.49 -5.06 22.16
N ASN A 83 11.17 -4.13 21.48
CA ASN A 83 12.41 -3.57 21.99
C ASN A 83 12.33 -2.05 22.09
N ASP A 84 11.15 -1.50 21.86
CA ASP A 84 10.87 -0.08 22.05
C ASP A 84 11.77 0.83 21.20
N MET A 85 11.81 0.56 19.89
CA MET A 85 12.60 1.35 18.97
C MET A 85 11.83 1.61 17.68
N ILE A 86 12.07 2.76 17.05
CA ILE A 86 11.35 3.14 15.84
C ILE A 86 12.18 4.07 14.95
N SER A 87 12.07 3.89 13.64
CA SER A 87 12.84 4.66 12.67
C SER A 87 12.02 5.68 11.90
N TYR A 88 12.70 6.70 11.37
CA TYR A 88 12.04 7.66 10.49
C TYR A 88 12.92 7.94 9.26
N GLY A 89 12.47 7.45 8.11
CA GLY A 89 13.17 7.66 6.86
C GLY A 89 14.17 6.57 6.55
N GLY A 90 13.77 5.31 6.73
CA GLY A 90 14.64 4.19 6.42
C GLY A 90 14.85 3.26 7.60
N GLY A 91 15.69 2.25 7.40
CA GLY A 91 16.01 1.31 8.45
C GLY A 91 16.88 1.92 9.54
N TRP A 92 17.65 1.10 10.24
CA TRP A 92 18.52 1.64 11.28
C TRP A 92 19.99 1.27 11.08
N ARG A 93 20.80 2.30 10.89
CA ARG A 93 22.25 2.13 10.80
C ARG A 93 22.90 2.41 12.15
N LEU A 94 22.46 1.68 13.15
CA LEU A 94 22.97 1.82 14.51
C LEU A 94 23.39 0.46 15.05
N GLY A 95 24.60 0.04 14.72
CA GLY A 95 25.05 -1.30 15.03
C GLY A 95 25.98 -1.44 16.22
N ASP A 96 26.63 -0.34 16.60
CA ASP A 96 27.59 -0.36 17.70
C ASP A 96 26.90 -0.72 19.02
N LYS A 97 27.35 -1.80 19.64
CA LYS A 97 26.78 -2.27 20.90
C LYS A 97 27.82 -2.34 22.01
N TRP A 98 27.36 -2.25 23.25
CA TRP A 98 28.23 -2.31 24.41
C TRP A 98 28.89 -3.69 24.53
N ASP A 99 30.05 -3.75 25.18
CA ASP A 99 30.82 -4.99 25.24
C ASP A 99 31.03 -5.49 26.68
N LYS A 100 30.10 -5.15 27.57
CA LYS A 100 30.09 -5.65 28.94
C LYS A 100 31.29 -5.24 29.80
N GLU A 101 32.24 -4.53 29.22
CA GLU A 101 33.43 -4.11 29.95
C GLU A 101 34.04 -2.85 29.35
N GLU A 102 33.29 -1.75 29.43
CA GLU A 102 33.70 -0.47 28.87
C GLU A 102 32.75 0.64 29.33
N ASP A 103 33.30 1.82 29.62
CA ASP A 103 32.50 2.93 30.13
C ASP A 103 31.85 3.72 28.99
N VAL A 104 30.68 4.29 29.27
CA VAL A 104 29.94 5.06 28.28
C VAL A 104 29.47 6.40 28.84
N GLN A 105 29.00 7.27 27.94
CA GLN A 105 28.40 8.54 28.31
C GLN A 105 26.95 8.56 27.89
N VAL A 106 26.11 9.25 28.66
CA VAL A 106 24.76 9.52 28.22
C VAL A 106 24.65 10.99 27.86
N LEU A 107 24.33 11.26 26.60
CA LEU A 107 24.13 12.64 26.17
C LEU A 107 22.72 13.07 26.53
N ALA A 108 22.51 13.38 27.81
CA ALA A 108 21.20 13.73 28.31
C ALA A 108 20.76 15.11 27.80
N ILE A 109 19.63 15.14 27.10
CA ILE A 109 19.02 16.40 26.70
C ILE A 109 17.68 16.56 27.43
N GLU A 110 17.70 17.36 28.49
CA GLU A 110 16.52 17.56 29.32
C GLU A 110 15.68 18.73 28.80
N PRO A 111 14.38 18.73 29.10
CA PRO A 111 13.50 19.85 28.73
C PRO A 111 13.95 21.17 29.34
N GLY A 112 14.12 22.18 28.49
CA GLY A 112 14.46 23.52 28.94
C GLY A 112 15.87 23.66 29.49
N LYS A 113 16.77 22.77 29.08
CA LYS A 113 18.15 22.83 29.54
C LYS A 113 19.14 22.39 28.46
N ASN A 114 20.37 22.89 28.57
CA ASN A 114 21.45 22.52 27.67
C ASN A 114 21.85 21.06 27.85
N PRO A 115 22.33 20.41 26.78
CA PRO A 115 22.71 19.00 26.85
C PRO A 115 23.86 18.73 27.83
N LYS A 116 23.85 17.55 28.44
CA LYS A 116 24.87 17.16 29.39
C LYS A 116 25.50 15.83 28.99
N HIS A 117 26.76 15.63 29.37
CA HIS A 117 27.46 14.39 29.10
C HIS A 117 27.80 13.70 30.41
N VAL A 118 27.04 12.66 30.78
CA VAL A 118 27.25 11.96 32.04
C VAL A 118 27.86 10.58 31.82
N GLN A 119 29.09 10.41 32.31
CA GLN A 119 29.85 9.18 32.13
C GLN A 119 29.65 8.23 33.32
N THR A 120 29.28 6.99 33.02
CA THR A 120 29.03 5.99 34.05
C THR A 120 29.32 4.58 33.55
N LYS A 121 30.15 3.83 34.28
CA LYS A 121 30.43 2.46 33.89
C LYS A 121 29.21 1.59 34.18
N PRO A 122 28.58 1.08 33.12
CA PRO A 122 27.26 0.43 33.15
C PRO A 122 27.20 -0.87 33.95
N GLY A 123 26.06 -1.09 34.60
CA GLY A 123 25.75 -2.37 35.20
C GLY A 123 25.04 -3.23 34.17
N LEU A 124 24.42 -4.32 34.62
CA LEU A 124 23.81 -5.25 33.67
C LEU A 124 22.33 -5.51 33.93
N PHE A 125 21.56 -5.51 32.85
CA PHE A 125 20.17 -5.96 32.90
C PHE A 125 20.05 -7.41 32.50
N LYS A 126 20.25 -8.32 33.45
CA LYS A 126 20.05 -9.73 33.17
C LYS A 126 18.58 -10.03 33.08
N THR A 127 18.04 -9.85 31.88
CA THR A 127 16.66 -10.24 31.62
C THR A 127 16.45 -11.73 31.80
N LEU A 128 15.23 -12.19 31.54
CA LEU A 128 14.95 -13.62 31.52
C LEU A 128 15.76 -14.28 30.40
N THR A 129 15.88 -13.60 29.27
CA THR A 129 16.61 -14.13 28.11
C THR A 129 17.11 -13.01 27.18
N GLY A 130 18.27 -12.44 27.47
CA GLY A 130 19.13 -12.92 28.55
C GLY A 130 19.77 -11.80 29.37
N GLU A 131 20.60 -10.98 28.73
CA GLU A 131 21.32 -9.88 29.37
C GLU A 131 21.69 -8.74 28.41
N ILE A 132 21.55 -7.52 28.90
CA ILE A 132 21.87 -6.31 28.14
C ILE A 132 22.33 -5.20 29.09
N GLY A 133 23.35 -4.46 28.65
CA GLY A 133 23.94 -3.40 29.46
C GLY A 133 22.95 -2.33 29.87
N ALA A 134 23.20 -1.72 31.03
CA ALA A 134 22.30 -0.70 31.57
C ALA A 134 23.04 0.32 32.43
N VAL A 135 22.48 1.52 32.54
CA VAL A 135 23.09 2.59 33.30
C VAL A 135 22.20 3.10 34.44
N THR A 136 22.81 3.48 35.55
CA THR A 136 22.09 3.99 36.71
C THR A 136 22.02 5.52 36.70
N LEU A 137 21.41 6.06 35.67
CA LEU A 137 21.24 7.51 35.56
C LEU A 137 19.76 7.89 35.56
N ASP A 138 19.43 8.97 36.24
CA ASP A 138 18.05 9.41 36.39
C ASP A 138 17.87 10.86 35.93
N PHE A 139 17.42 11.04 34.70
CA PHE A 139 17.24 12.37 34.15
C PHE A 139 15.75 12.74 34.09
N LYS A 140 15.47 14.00 33.76
CA LYS A 140 14.11 14.51 33.72
C LYS A 140 13.25 13.82 32.66
N PRO A 141 11.93 13.79 32.86
CA PRO A 141 11.00 13.27 31.84
C PRO A 141 11.12 14.03 30.53
N GLY A 142 11.38 13.31 29.44
CA GLY A 142 11.57 13.92 28.15
C GLY A 142 12.97 13.66 27.61
N THR A 143 13.76 12.92 28.38
CA THR A 143 15.11 12.58 27.98
C THR A 143 15.17 11.22 27.28
N ALA A 144 13.99 10.66 27.01
CA ALA A 144 13.90 9.39 26.30
C ALA A 144 14.39 9.55 24.87
N GLY A 145 15.37 8.75 24.48
CA GLY A 145 15.93 8.82 23.15
C GLY A 145 17.31 9.49 23.14
N SER A 146 17.75 9.91 24.32
CA SER A 146 19.09 10.47 24.46
C SER A 146 20.14 9.42 24.14
N PRO A 147 21.08 9.75 23.26
CA PRO A 147 22.11 8.81 22.80
C PRO A 147 23.09 8.40 23.89
N ILE A 148 23.41 7.11 23.94
CA ILE A 148 24.48 6.61 24.79
C ILE A 148 25.72 6.45 23.92
N ILE A 149 26.81 7.07 24.34
CA ILE A 149 27.93 7.33 23.43
C ILE A 149 29.16 6.43 23.66
N ASN A 150 29.82 6.09 22.56
CA ASN A 150 31.01 5.25 22.59
C ASN A 150 32.27 6.07 22.85
N LYS A 151 33.39 5.39 23.09
CA LYS A 151 34.67 6.07 23.24
C LYS A 151 35.14 6.60 21.89
N LYS A 152 34.73 5.92 20.82
CA LYS A 152 35.04 6.33 19.47
C LYS A 152 34.12 7.45 19.01
N GLY A 153 33.04 7.66 19.75
CA GLY A 153 32.09 8.71 19.45
C GLY A 153 30.89 8.21 18.65
N LYS A 154 30.57 6.94 18.82
CA LYS A 154 29.44 6.34 18.13
C LYS A 154 28.29 6.08 19.11
N VAL A 155 27.06 6.23 18.64
CA VAL A 155 25.90 5.90 19.47
C VAL A 155 25.91 4.40 19.75
N ILE A 156 25.70 4.03 21.00
CA ILE A 156 25.82 2.63 21.40
C ILE A 156 24.50 2.13 21.99
N GLY A 157 23.51 3.01 22.05
CA GLY A 157 22.19 2.65 22.54
C GLY A 157 21.35 3.86 22.88
N LEU A 158 20.15 3.62 23.41
CA LEU A 158 19.22 4.71 23.73
C LEU A 158 18.84 4.71 25.20
N TYR A 159 18.91 5.90 25.81
CA TYR A 159 18.42 6.09 27.17
C TYR A 159 16.92 6.41 27.13
N GLY A 160 16.16 5.83 28.05
CA GLY A 160 14.74 6.12 28.13
C GLY A 160 13.86 4.97 28.58
N ASN A 161 14.33 3.74 28.37
CA ASN A 161 13.55 2.56 28.76
C ASN A 161 14.27 1.74 29.82
N GLY A 162 13.77 1.81 31.05
CA GLY A 162 14.39 1.13 32.16
C GLY A 162 13.42 0.61 33.21
N VAL A 163 13.87 0.55 34.45
CA VAL A 163 13.06 0.02 35.54
C VAL A 163 13.54 0.55 36.89
N VAL A 164 12.65 0.57 37.88
CA VAL A 164 12.99 0.99 39.23
C VAL A 164 13.29 -0.22 40.10
N THR A 165 14.29 -0.10 40.97
CA THR A 165 14.68 -1.18 41.86
C THR A 165 13.92 -1.12 43.18
N LYS A 166 14.32 -1.97 44.13
CA LYS A 166 13.69 -1.99 45.45
C LYS A 166 14.11 -0.79 46.28
N SER A 167 15.19 -0.13 45.86
CA SER A 167 15.71 1.03 46.56
C SER A 167 14.94 2.28 46.20
N GLY A 168 14.22 2.22 45.09
CA GLY A 168 13.51 3.38 44.58
C GLY A 168 14.38 4.12 43.57
N ASP A 169 15.51 3.53 43.25
CA ASP A 169 16.45 4.12 42.30
C ASP A 169 16.10 3.73 40.87
N TYR A 170 16.39 4.62 39.93
CA TYR A 170 16.05 4.38 38.53
C TYR A 170 17.25 3.89 37.74
N VAL A 171 17.05 2.81 37.00
CA VAL A 171 18.09 2.26 36.13
C VAL A 171 17.56 2.06 34.72
N SER A 172 18.20 2.70 33.75
CA SER A 172 17.79 2.58 32.34
C SER A 172 18.70 1.63 31.59
N ALA A 173 18.11 0.92 30.62
CA ALA A 173 18.86 -0.04 29.81
C ALA A 173 19.40 0.60 28.53
N ILE A 174 20.50 0.05 28.03
CA ILE A 174 21.06 0.49 26.77
C ILE A 174 20.40 -0.25 25.62
N THR A 175 19.24 0.27 25.18
CA THR A 175 18.46 -0.36 24.12
C THR A 175 19.13 -0.14 22.76
N GLN A 176 19.36 -1.25 22.04
CA GLN A 176 20.07 -1.18 20.77
C GLN A 176 19.50 -2.14 19.73
N ALA A 177 19.43 -1.67 18.49
CA ALA A 177 18.98 -2.52 17.38
C ALA A 177 20.06 -3.52 16.99
N GLU A 178 19.71 -4.48 16.14
CA GLU A 178 20.64 -5.53 15.75
C GLU A 178 21.16 -5.37 14.33
N ARG A 179 20.23 -5.16 13.40
CA ARG A 179 20.59 -5.01 11.99
C ARG A 179 21.26 -3.66 11.74
N ASP A 184 16.10 -8.35 5.79
CA ASP A 184 15.37 -8.55 4.55
C ASP A 184 14.51 -9.81 4.61
N TYR A 185 14.48 -10.57 3.51
CA TYR A 185 13.69 -11.79 3.44
C TYR A 185 14.41 -12.87 2.65
N GLU A 186 14.61 -14.02 3.28
CA GLU A 186 15.24 -15.16 2.62
C GLU A 186 14.19 -16.00 1.89
N VAL A 187 14.28 -16.05 0.57
CA VAL A 187 13.32 -16.78 -0.25
C VAL A 187 13.72 -18.24 -0.43
N ASP A 188 12.73 -19.10 -0.65
CA ASP A 188 12.98 -20.51 -0.92
C ASP A 188 13.63 -20.65 -2.30
N GLU A 189 14.44 -21.68 -2.47
CA GLU A 189 15.21 -21.86 -3.69
C GLU A 189 14.36 -22.44 -4.82
N ASP A 190 13.30 -23.16 -4.48
CA ASP A 190 12.51 -23.87 -5.47
C ASP A 190 11.50 -22.96 -6.18
N ILE A 191 11.42 -21.70 -5.75
CA ILE A 191 10.57 -20.73 -6.43
C ILE A 191 11.24 -20.30 -7.72
N PHE A 192 12.53 -20.59 -7.83
CA PHE A 192 13.30 -20.30 -9.04
C PHE A 192 13.36 -21.53 -9.94
N ARG A 193 13.00 -22.68 -9.38
CA ARG A 193 13.01 -23.93 -10.13
C ARG A 193 12.05 -23.89 -11.30
N LYS A 194 12.52 -24.33 -12.47
CA LYS A 194 11.69 -24.33 -13.67
C LYS A 194 10.50 -25.29 -13.53
N LYS A 195 9.49 -25.09 -14.37
CA LYS A 195 8.25 -25.86 -14.34
C LYS A 195 7.58 -25.75 -12.97
N ARG A 196 7.71 -24.58 -12.35
CA ARG A 196 7.12 -24.33 -11.04
C ARG A 196 6.45 -22.97 -10.98
N LEU A 197 5.20 -22.95 -10.57
CA LEU A 197 4.46 -21.70 -10.40
C LEU A 197 4.13 -21.52 -8.92
N THR A 198 4.73 -20.51 -8.30
CA THR A 198 4.49 -20.23 -6.89
C THR A 198 3.59 -19.02 -6.72
N ILE A 199 2.54 -19.16 -5.91
CA ILE A 199 1.65 -18.05 -5.61
C ILE A 199 1.90 -17.52 -4.20
N MET A 200 2.43 -16.31 -4.12
CA MET A 200 2.72 -15.70 -2.82
C MET A 200 1.53 -14.92 -2.29
N ASP A 201 0.98 -15.38 -1.18
CA ASP A 201 -0.14 -14.70 -0.53
C ASP A 201 0.36 -13.60 0.40
N LEU A 202 0.44 -12.38 -0.12
CA LEU A 202 0.99 -11.27 0.63
C LEU A 202 -0.07 -10.19 0.90
N HIS A 203 -0.29 -9.91 2.18
CA HIS A 203 -1.26 -8.91 2.59
C HIS A 203 -0.58 -7.56 2.83
N PRO A 204 -1.31 -6.45 2.58
CA PRO A 204 -0.83 -5.09 2.78
C PRO A 204 -0.15 -4.89 4.13
N GLY A 205 1.13 -4.53 4.09
CA GLY A 205 1.92 -4.36 5.30
C GLY A 205 2.89 -5.51 5.49
N ALA A 206 3.25 -6.17 4.40
CA ALA A 206 4.16 -7.31 4.46
C ALA A 206 5.56 -6.91 4.00
N GLY A 207 5.70 -5.67 3.55
CA GLY A 207 6.94 -5.21 2.97
C GLY A 207 7.15 -5.85 1.61
N LYS A 208 6.04 -6.22 0.98
CA LYS A 208 6.06 -6.88 -0.32
C LYS A 208 6.91 -6.15 -1.35
N THR A 209 6.57 -4.89 -1.60
CA THR A 209 7.25 -4.11 -2.62
C THR A 209 8.67 -3.74 -2.22
N LYS A 210 8.88 -3.52 -0.93
CA LYS A 210 10.15 -2.97 -0.45
C LYS A 210 11.14 -3.99 0.09
N ARG A 211 10.66 -5.15 0.51
CA ARG A 211 11.53 -6.15 1.12
C ARG A 211 11.60 -7.45 0.33
N ILE A 212 10.43 -8.02 0.03
CA ILE A 212 10.35 -9.31 -0.63
C ILE A 212 10.83 -9.25 -2.08
N LEU A 213 10.18 -8.43 -2.88
CA LEU A 213 10.53 -8.30 -4.30
C LEU A 213 11.99 -7.92 -4.55
N PRO A 214 12.54 -6.94 -3.81
CA PRO A 214 13.96 -6.64 -4.05
C PRO A 214 14.89 -7.82 -3.75
N SER A 215 14.54 -8.62 -2.74
CA SER A 215 15.32 -9.79 -2.41
C SER A 215 15.21 -10.84 -3.52
N ILE A 216 14.00 -11.06 -4.00
CA ILE A 216 13.74 -12.01 -5.08
C ILE A 216 14.57 -11.66 -6.31
N VAL A 217 14.53 -10.39 -6.69
CA VAL A 217 15.30 -9.89 -7.84
C VAL A 217 16.81 -10.02 -7.58
N ARG A 218 17.22 -9.69 -6.36
CA ARG A 218 18.64 -9.67 -5.99
C ARG A 218 19.31 -11.03 -6.17
N GLU A 219 18.65 -12.09 -5.71
CA GLU A 219 19.19 -13.44 -5.85
C GLU A 219 18.90 -14.00 -7.25
N ALA A 220 17.87 -13.47 -7.90
CA ALA A 220 17.57 -13.84 -9.28
C ALA A 220 18.74 -13.46 -10.18
N LEU A 221 19.39 -12.35 -9.83
CA LEU A 221 20.56 -11.88 -10.56
C LEU A 221 21.77 -12.74 -10.26
N LYS A 222 21.87 -13.23 -9.02
CA LYS A 222 22.95 -14.09 -8.61
C LYS A 222 22.89 -15.43 -9.34
N ARG A 223 21.68 -15.83 -9.71
CA ARG A 223 21.48 -17.05 -10.47
C ARG A 223 21.60 -16.80 -11.97
N ARG A 224 21.89 -15.54 -12.33
CA ARG A 224 21.98 -15.11 -13.72
C ARG A 224 20.70 -15.42 -14.49
N LEU A 225 19.56 -15.10 -13.90
CA LEU A 225 18.26 -15.37 -14.51
C LEU A 225 17.75 -14.18 -15.31
N ARG A 226 17.11 -14.47 -16.45
CA ARG A 226 16.46 -13.43 -17.23
C ARG A 226 15.11 -13.11 -16.62
N THR A 227 15.07 -12.06 -15.81
CA THR A 227 13.89 -11.77 -14.98
C THR A 227 12.95 -10.74 -15.61
N LEU A 228 11.66 -11.05 -15.56
CA LEU A 228 10.62 -10.12 -16.00
C LEU A 228 9.68 -9.80 -14.83
N ILE A 229 9.51 -8.52 -14.54
CA ILE A 229 8.60 -8.10 -13.48
C ILE A 229 7.38 -7.41 -14.07
N LEU A 230 6.19 -7.85 -13.68
CA LEU A 230 4.96 -7.28 -14.21
C LEU A 230 4.16 -6.54 -13.13
N ALA A 231 3.89 -5.27 -13.38
CA ALA A 231 3.06 -4.46 -12.50
C ALA A 231 1.71 -4.18 -13.17
N PRO A 232 0.64 -4.08 -12.37
CA PRO A 232 -0.68 -3.84 -12.96
C PRO A 232 -0.80 -2.47 -13.62
N THR A 233 -0.23 -1.44 -12.98
CA THR A 233 -0.30 -0.08 -13.50
C THR A 233 1.05 0.61 -13.47
N ARG A 234 1.13 1.77 -14.11
CA ARG A 234 2.37 2.53 -14.19
C ARG A 234 2.86 2.98 -12.82
N VAL A 235 1.93 3.40 -11.96
CA VAL A 235 2.28 3.91 -10.64
C VAL A 235 2.86 2.83 -9.74
N VAL A 236 2.36 1.60 -9.86
CA VAL A 236 2.86 0.48 -9.09
C VAL A 236 4.28 0.14 -9.54
N ALA A 237 4.47 0.14 -10.86
CA ALA A 237 5.80 -0.09 -11.44
C ALA A 237 6.77 1.00 -11.01
N ALA A 238 6.25 2.22 -10.85
CA ALA A 238 7.06 3.34 -10.38
C ALA A 238 7.49 3.11 -8.93
N GLU A 239 6.57 2.61 -8.13
CA GLU A 239 6.87 2.25 -6.74
C GLU A 239 7.92 1.14 -6.70
N MET A 240 7.84 0.22 -7.65
CA MET A 240 8.83 -0.85 -7.75
C MET A 240 10.20 -0.28 -8.06
N GLU A 241 10.25 0.68 -8.98
CA GLU A 241 11.50 1.36 -9.34
C GLU A 241 12.09 2.05 -8.12
N GLU A 242 11.21 2.67 -7.33
CA GLU A 242 11.61 3.30 -6.07
C GLU A 242 12.25 2.28 -5.14
N ALA A 243 11.67 1.08 -5.10
CA ALA A 243 12.13 0.03 -4.20
C ALA A 243 13.32 -0.73 -4.76
N LEU A 244 13.50 -0.67 -6.07
CA LEU A 244 14.56 -1.43 -6.73
C LEU A 244 15.75 -0.57 -7.15
N ARG A 245 15.86 0.62 -6.57
CA ARG A 245 16.97 1.52 -6.86
C ARG A 245 18.31 0.88 -6.49
N GLY A 246 19.29 1.02 -7.38
CA GLY A 246 20.59 0.41 -7.17
C GLY A 246 20.73 -0.91 -7.90
N LEU A 247 19.61 -1.44 -8.37
CA LEU A 247 19.59 -2.68 -9.13
C LEU A 247 19.31 -2.40 -10.60
N PRO A 248 19.88 -3.21 -11.51
CA PRO A 248 19.72 -2.97 -12.95
C PRO A 248 18.32 -3.27 -13.47
N ILE A 249 17.42 -2.29 -13.36
CA ILE A 249 16.06 -2.44 -13.85
C ILE A 249 15.80 -1.51 -15.02
N ARG A 250 15.19 -2.05 -16.08
CA ARG A 250 14.82 -1.25 -17.23
C ARG A 250 13.31 -1.26 -17.43
N TYR A 251 12.70 -0.08 -17.36
CA TYR A 251 11.27 0.00 -17.61
C TYR A 251 10.98 -0.12 -19.10
N GLN A 252 10.04 -1.00 -19.45
CA GLN A 252 9.68 -1.23 -20.84
C GLN A 252 8.32 -0.61 -21.15
N THR A 253 8.29 0.25 -22.16
CA THR A 253 7.06 0.94 -22.55
C THR A 253 6.37 0.20 -23.70
N PRO A 254 5.03 0.28 -23.76
CA PRO A 254 4.27 -0.37 -24.84
C PRO A 254 4.50 0.26 -26.21
N ALA A 255 5.25 1.35 -26.26
CA ALA A 255 5.59 2.00 -27.52
C ALA A 255 6.72 1.25 -28.23
N VAL A 256 7.23 0.21 -27.57
CA VAL A 256 8.31 -0.62 -28.12
C VAL A 256 7.91 -2.09 -28.08
N LYS A 257 7.99 -2.75 -29.24
CA LYS A 257 7.59 -4.16 -29.36
C LYS A 257 8.54 -5.10 -28.62
N SER A 258 9.83 -4.84 -28.73
CA SER A 258 10.84 -5.63 -28.03
C SER A 258 12.13 -4.82 -27.91
N GLU A 259 12.94 -5.13 -26.91
CA GLU A 259 14.17 -4.39 -26.65
C GLU A 259 15.19 -5.24 -25.93
N HIS A 260 16.17 -5.74 -26.66
CA HIS A 260 17.18 -6.65 -26.10
C HIS A 260 18.53 -5.96 -25.91
N THR A 261 19.07 -6.08 -24.70
CA THR A 261 20.40 -5.57 -24.39
C THR A 261 21.27 -6.74 -23.93
N GLY A 262 22.54 -6.72 -24.32
CA GLY A 262 23.46 -7.80 -23.97
C GLY A 262 23.72 -7.89 -22.47
N ARG A 263 23.65 -6.74 -21.80
CA ARG A 263 23.93 -6.67 -20.37
C ARG A 263 22.90 -7.44 -19.55
N GLU A 264 23.30 -7.89 -18.36
CA GLU A 264 22.36 -8.51 -17.45
C GLU A 264 21.40 -7.43 -16.96
N ILE A 265 20.11 -7.74 -16.96
CA ILE A 265 19.11 -6.74 -16.61
C ILE A 265 17.76 -7.36 -16.30
N VAL A 266 16.95 -6.63 -15.54
CA VAL A 266 15.59 -7.05 -15.22
C VAL A 266 14.61 -6.13 -15.94
N ASP A 267 13.68 -6.72 -16.68
CA ASP A 267 12.67 -5.94 -17.39
C ASP A 267 11.44 -5.70 -16.53
N LEU A 268 11.10 -4.44 -16.36
CA LEU A 268 9.88 -4.04 -15.65
C LEU A 268 8.89 -3.41 -16.60
N MET A 269 7.69 -3.97 -16.65
CA MET A 269 6.65 -3.46 -17.54
C MET A 269 5.27 -3.75 -16.98
N CYS A 270 4.24 -3.18 -17.60
CA CYS A 270 2.86 -3.42 -17.20
C CYS A 270 2.33 -4.71 -17.81
N HIS A 271 1.30 -5.28 -17.19
CA HIS A 271 0.68 -6.51 -17.69
C HIS A 271 0.23 -6.33 -19.14
N ALA A 272 -0.39 -5.20 -19.42
CA ALA A 272 -0.91 -4.91 -20.75
C ALA A 272 0.23 -4.75 -21.76
N THR A 273 1.34 -4.19 -21.30
CA THR A 273 2.51 -4.02 -22.16
C THR A 273 3.05 -5.38 -22.58
N PHE A 274 3.10 -6.31 -21.64
CA PHE A 274 3.57 -7.67 -21.90
C PHE A 274 2.70 -8.37 -22.94
N THR A 275 1.38 -8.30 -22.72
CA THR A 275 0.42 -8.92 -23.64
C THR A 275 0.48 -8.28 -25.03
N THR A 276 0.64 -6.96 -25.06
CA THR A 276 0.76 -6.23 -26.31
C THR A 276 1.98 -6.71 -27.10
N ARG A 277 3.11 -6.79 -26.42
CA ARG A 277 4.35 -7.25 -27.05
C ARG A 277 4.20 -8.68 -27.56
N LEU A 278 3.44 -9.49 -26.83
CA LEU A 278 3.16 -10.86 -27.24
C LEU A 278 2.33 -10.89 -28.52
N LEU A 279 1.49 -9.88 -28.70
CA LEU A 279 0.58 -9.81 -29.84
C LEU A 279 1.23 -9.23 -31.09
N SER A 280 2.28 -8.43 -30.91
CA SER A 280 2.82 -7.65 -32.02
C SER A 280 4.31 -7.86 -32.30
N SER A 281 5.01 -8.57 -31.42
CA SER A 281 6.44 -8.76 -31.59
C SER A 281 6.82 -10.19 -31.94
N THR A 282 8.07 -10.38 -32.35
CA THR A 282 8.60 -11.69 -32.68
C THR A 282 9.80 -12.01 -31.81
N ARG A 283 10.32 -10.97 -31.16
CA ARG A 283 11.57 -11.07 -30.40
C ARG A 283 11.31 -11.12 -28.89
N VAL A 284 10.13 -11.59 -28.50
CA VAL A 284 9.83 -11.77 -27.08
C VAL A 284 10.79 -12.79 -26.48
N PRO A 285 11.67 -12.34 -25.58
CA PRO A 285 12.73 -13.18 -25.03
C PRO A 285 12.20 -14.25 -24.10
N ASN A 286 12.96 -15.33 -23.93
CA ASN A 286 12.58 -16.38 -23.01
C ASN A 286 12.98 -16.05 -21.59
N TYR A 287 12.15 -15.24 -20.92
CA TYR A 287 12.33 -15.00 -19.50
C TYR A 287 12.16 -16.31 -18.76
N ASN A 288 13.17 -16.75 -18.02
CA ASN A 288 13.08 -17.99 -17.27
C ASN A 288 12.60 -17.76 -15.84
N LEU A 289 12.40 -16.50 -15.48
CA LEU A 289 11.77 -16.14 -14.22
C LEU A 289 10.82 -14.97 -14.41
N ILE A 290 9.54 -15.22 -14.20
CA ILE A 290 8.54 -14.18 -14.37
C ILE A 290 7.77 -13.91 -13.09
N VAL A 291 7.83 -12.66 -12.62
CA VAL A 291 7.12 -12.26 -11.42
C VAL A 291 5.98 -11.30 -11.77
N MET A 292 4.76 -11.67 -11.40
CA MET A 292 3.60 -10.80 -11.61
C MET A 292 3.01 -10.34 -10.29
N ASP A 293 3.01 -9.03 -10.06
CA ASP A 293 2.43 -8.47 -8.85
C ASP A 293 0.96 -8.15 -9.09
N GLU A 294 0.16 -8.30 -8.04
CA GLU A 294 -1.29 -8.16 -8.12
C GLU A 294 -1.84 -9.07 -9.21
N ALA A 295 -1.54 -10.36 -9.08
CA ALA A 295 -1.90 -11.34 -10.10
C ALA A 295 -3.36 -11.76 -10.03
N HIS A 296 -4.18 -10.94 -9.39
CA HIS A 296 -5.61 -11.20 -9.30
C HIS A 296 -6.35 -10.30 -10.28
N PHE A 297 -5.62 -9.35 -10.87
CA PHE A 297 -6.17 -8.40 -11.83
C PHE A 297 -6.97 -9.10 -12.92
N THR A 298 -8.28 -8.89 -12.92
CA THR A 298 -9.17 -9.60 -13.82
C THR A 298 -9.24 -8.96 -15.21
N ASP A 299 -8.35 -7.99 -15.46
CA ASP A 299 -8.26 -7.36 -16.77
C ASP A 299 -7.89 -8.39 -17.83
N PRO A 300 -8.51 -8.31 -19.01
CA PRO A 300 -8.28 -9.25 -20.12
C PRO A 300 -6.80 -9.47 -20.43
N CYS A 301 -6.03 -8.38 -20.50
CA CYS A 301 -4.61 -8.47 -20.78
C CYS A 301 -3.86 -9.19 -19.68
N SER A 302 -4.30 -9.00 -18.43
CA SER A 302 -3.68 -9.65 -17.30
C SER A 302 -3.97 -11.15 -17.27
N VAL A 303 -5.22 -11.52 -17.57
CA VAL A 303 -5.62 -12.92 -17.61
C VAL A 303 -4.88 -13.65 -18.74
N ALA A 304 -4.79 -12.99 -19.90
CA ALA A 304 -4.07 -13.53 -21.03
C ALA A 304 -2.59 -13.70 -20.68
N ALA A 305 -2.04 -12.72 -19.98
CA ALA A 305 -0.65 -12.78 -19.54
C ALA A 305 -0.41 -13.97 -18.64
N ARG A 306 -1.33 -14.18 -17.69
CA ARG A 306 -1.23 -15.31 -16.78
C ARG A 306 -1.31 -16.64 -17.53
N GLY A 307 -2.11 -16.67 -18.59
CA GLY A 307 -2.22 -17.85 -19.41
C GLY A 307 -0.92 -18.18 -20.13
N TYR A 308 -0.33 -17.16 -20.75
CA TYR A 308 0.93 -17.32 -21.47
C TYR A 308 2.05 -17.74 -20.51
N ILE A 309 2.14 -17.05 -19.38
CA ILE A 309 3.16 -17.34 -18.38
C ILE A 309 3.04 -18.78 -17.87
N SER A 310 1.80 -19.19 -17.59
CA SER A 310 1.53 -20.54 -17.13
C SER A 310 1.94 -21.57 -18.18
N THR A 311 1.78 -21.20 -19.44
CA THR A 311 2.16 -22.07 -20.56
C THR A 311 3.68 -22.21 -20.64
N ARG A 312 4.39 -21.10 -20.44
CA ARG A 312 5.85 -21.12 -20.46
C ARG A 312 6.40 -21.98 -19.32
N VAL A 313 5.75 -21.91 -18.16
CA VAL A 313 6.12 -22.72 -17.02
C VAL A 313 5.86 -24.19 -17.32
N GLU A 314 4.71 -24.47 -17.91
CA GLU A 314 4.35 -25.84 -18.30
C GLU A 314 5.33 -26.38 -19.34
N MET A 315 5.85 -25.49 -20.18
CA MET A 315 6.83 -25.87 -21.19
C MET A 315 8.19 -26.22 -20.58
N GLY A 316 8.34 -25.93 -19.29
CA GLY A 316 9.60 -26.15 -18.60
C GLY A 316 10.65 -25.17 -19.08
N GLU A 317 10.21 -23.96 -19.40
CA GLU A 317 11.10 -22.93 -19.91
C GLU A 317 11.25 -21.78 -18.91
N ALA A 318 10.39 -21.76 -17.89
CA ALA A 318 10.40 -20.66 -16.94
C ALA A 318 9.84 -21.03 -15.57
N ALA A 319 10.22 -20.24 -14.57
CA ALA A 319 9.62 -20.30 -13.25
C ALA A 319 8.80 -19.04 -13.05
N ALA A 320 7.70 -19.14 -12.31
CA ALA A 320 6.77 -18.00 -12.17
C ALA A 320 6.39 -17.74 -10.72
N ILE A 321 6.22 -16.46 -10.40
CA ILE A 321 5.79 -16.05 -9.07
C ILE A 321 4.62 -15.08 -9.15
N PHE A 322 3.45 -15.52 -8.69
CA PHE A 322 2.27 -14.67 -8.67
C PHE A 322 2.03 -14.11 -7.27
N MET A 323 2.23 -12.81 -7.10
CA MET A 323 2.03 -12.16 -5.81
C MET A 323 0.67 -11.48 -5.74
N THR A 324 -0.13 -11.85 -4.73
CA THR A 324 -1.45 -11.27 -4.54
C THR A 324 -2.00 -11.58 -3.16
N ALA A 325 -2.83 -10.69 -2.64
CA ALA A 325 -3.48 -10.89 -1.34
C ALA A 325 -4.72 -11.76 -1.50
N THR A 326 -5.15 -11.96 -2.74
CA THR A 326 -6.31 -12.79 -3.03
C THR A 326 -6.03 -13.83 -4.11
N PRO A 327 -5.29 -14.90 -3.74
CA PRO A 327 -5.02 -16.01 -4.66
C PRO A 327 -6.30 -16.74 -5.06
N PRO A 328 -6.25 -17.57 -6.11
CA PRO A 328 -7.40 -18.39 -6.51
C PRO A 328 -7.95 -19.22 -5.35
N GLY A 329 -9.26 -19.14 -5.14
CA GLY A 329 -9.90 -19.86 -4.06
C GLY A 329 -10.24 -18.97 -2.88
N SER A 330 -9.76 -17.73 -2.92
CA SER A 330 -10.02 -16.76 -1.86
C SER A 330 -11.52 -16.46 -1.77
N ILE A 331 -12.04 -16.49 -0.55
CA ILE A 331 -13.46 -16.35 -0.32
C ILE A 331 -13.72 -15.40 0.84
N ASP A 332 -12.77 -15.35 1.77
CA ASP A 332 -12.87 -14.51 2.96
C ASP A 332 -12.79 -13.02 2.65
N PRO A 333 -13.91 -12.29 2.82
CA PRO A 333 -13.94 -10.85 2.59
C PRO A 333 -13.34 -10.07 3.75
N PHE A 334 -13.14 -10.74 4.88
CA PHE A 334 -12.55 -10.12 6.06
C PHE A 334 -11.27 -10.84 6.50
N PRO A 335 -10.21 -10.77 5.67
CA PRO A 335 -8.97 -11.41 6.09
C PRO A 335 -8.29 -10.62 7.20
N GLN A 336 -7.48 -11.27 8.02
CA GLN A 336 -6.79 -10.58 9.10
C GLN A 336 -5.73 -9.64 8.54
N SER A 337 -5.67 -8.44 9.09
CA SER A 337 -4.69 -7.45 8.68
C SER A 337 -3.61 -7.30 9.75
N ASN A 338 -2.52 -6.63 9.40
CA ASN A 338 -1.44 -6.40 10.35
C ASN A 338 -1.80 -5.30 11.33
N SER A 339 -2.76 -4.48 10.95
CA SER A 339 -3.32 -3.45 11.84
C SER A 339 -4.82 -3.64 11.96
N PRO A 340 -5.37 -3.42 13.16
CA PRO A 340 -6.79 -3.64 13.45
C PRO A 340 -7.74 -2.90 12.51
N ILE A 341 -8.77 -3.60 12.07
CA ILE A 341 -9.80 -3.02 11.22
C ILE A 341 -11.16 -3.17 11.89
N GLU A 342 -11.90 -2.05 12.01
CA GLU A 342 -13.25 -2.12 12.51
C GLU A 342 -14.22 -2.30 11.35
N ASP A 343 -14.86 -3.47 11.29
CA ASP A 343 -15.80 -3.77 10.22
C ASP A 343 -17.21 -3.35 10.59
N ILE A 344 -17.68 -2.27 9.98
CA ILE A 344 -18.98 -1.69 10.29
C ILE A 344 -19.96 -1.87 9.14
N GLU A 345 -21.13 -2.42 9.44
CA GLU A 345 -22.15 -2.66 8.43
C GLU A 345 -23.34 -1.73 8.61
N ARG A 346 -23.58 -0.88 7.61
CA ARG A 346 -24.70 0.06 7.67
C ARG A 346 -25.09 0.53 6.27
N GLU A 347 -26.21 1.26 6.19
CA GLU A 347 -26.71 1.74 4.90
C GLU A 347 -25.79 2.79 4.30
N ILE A 348 -25.48 2.62 3.02
CA ILE A 348 -24.62 3.53 2.29
C ILE A 348 -25.34 4.11 1.08
N PRO A 349 -25.28 5.44 0.91
CA PRO A 349 -25.92 6.11 -0.23
C PRO A 349 -25.47 5.56 -1.58
N GLU A 350 -26.42 5.35 -2.48
CA GLU A 350 -26.13 4.88 -3.83
C GLU A 350 -25.99 6.07 -4.77
N ARG A 351 -26.56 7.21 -4.36
CA ARG A 351 -26.49 8.44 -5.14
C ARG A 351 -26.30 9.62 -4.19
N SER A 352 -26.41 10.83 -4.73
CA SER A 352 -26.33 12.04 -3.92
C SER A 352 -27.44 12.07 -2.88
N TRP A 353 -27.15 12.65 -1.71
CA TRP A 353 -28.13 12.71 -0.63
C TRP A 353 -28.18 14.10 -0.01
N ASN A 354 -29.22 14.34 0.78
CA ASN A 354 -29.41 15.63 1.44
C ASN A 354 -29.23 15.55 2.95
N THR A 355 -29.58 14.41 3.53
CA THR A 355 -29.50 14.21 4.97
C THR A 355 -29.55 12.73 5.34
N GLY A 356 -29.49 12.44 6.63
CA GLY A 356 -29.59 11.09 7.13
C GLY A 356 -28.31 10.28 7.00
N PHE A 357 -27.21 10.98 6.73
CA PHE A 357 -25.91 10.33 6.61
C PHE A 357 -24.80 11.22 7.16
N ASP A 358 -25.01 11.74 8.36
CA ASP A 358 -24.06 12.64 9.00
C ASP A 358 -22.73 11.96 9.31
N TRP A 359 -22.78 10.65 9.53
CA TRP A 359 -21.59 9.87 9.87
C TRP A 359 -20.55 9.90 8.74
N ILE A 360 -21.00 10.23 7.54
CA ILE A 360 -20.10 10.32 6.39
C ILE A 360 -19.28 11.60 6.44
N THR A 361 -19.95 12.73 6.67
CA THR A 361 -19.32 14.04 6.60
C THR A 361 -18.71 14.49 7.93
N ASP A 362 -19.31 14.09 9.03
CA ASP A 362 -18.79 14.45 10.35
C ASP A 362 -17.44 13.79 10.60
N TYR A 363 -17.23 12.64 9.97
CA TYR A 363 -15.93 11.97 10.00
C TYR A 363 -14.95 12.73 9.11
N GLN A 364 -13.88 13.25 9.71
CA GLN A 364 -12.83 13.84 8.88
C GLN A 364 -11.46 13.23 9.18
N GLY A 365 -11.36 11.93 8.94
CA GLY A 365 -10.10 11.32 8.62
C GLY A 365 -10.16 11.32 7.11
N LYS A 366 -9.28 10.57 6.44
CA LYS A 366 -9.40 10.46 5.00
C LYS A 366 -10.11 9.18 4.62
N THR A 367 -11.01 9.26 3.64
CA THR A 367 -11.88 8.14 3.30
C THR A 367 -11.73 7.73 1.84
N VAL A 368 -11.77 6.42 1.59
CA VAL A 368 -11.74 5.89 0.23
C VAL A 368 -13.07 5.22 -0.09
N TRP A 369 -13.84 5.84 -0.97
CA TRP A 369 -15.18 5.38 -1.30
C TRP A 369 -15.19 4.68 -2.67
N PHE A 370 -15.53 3.39 -2.66
CA PHE A 370 -15.62 2.62 -3.89
C PHE A 370 -17.02 2.68 -4.49
N VAL A 371 -17.09 3.12 -5.74
CA VAL A 371 -18.37 3.26 -6.44
C VAL A 371 -18.48 2.23 -7.57
N PRO A 372 -19.72 1.82 -7.90
CA PRO A 372 -19.93 0.82 -8.95
C PRO A 372 -19.55 1.33 -10.34
N SER A 373 -19.58 2.64 -10.54
CA SER A 373 -19.31 3.21 -11.85
C SER A 373 -18.76 4.62 -11.77
N ILE A 374 -18.34 5.15 -12.93
CA ILE A 374 -17.83 6.50 -13.02
C ILE A 374 -18.94 7.51 -12.76
N LYS A 375 -20.12 7.22 -13.32
CA LYS A 375 -21.29 8.09 -13.16
C LYS A 375 -21.72 8.24 -11.70
N ALA A 376 -21.90 7.10 -11.02
CA ALA A 376 -22.25 7.11 -9.60
C ALA A 376 -21.16 7.82 -8.81
N GLY A 377 -19.92 7.63 -9.24
CA GLY A 377 -18.79 8.31 -8.63
C GLY A 377 -18.90 9.81 -8.79
N ASN A 378 -19.31 10.25 -9.96
CA ASN A 378 -19.51 11.68 -10.23
C ASN A 378 -20.59 12.28 -9.33
N ASP A 379 -21.69 11.54 -9.17
CA ASP A 379 -22.80 12.00 -8.35
C ASP A 379 -22.38 12.13 -6.89
N ILE A 380 -21.75 11.07 -6.37
CA ILE A 380 -21.26 11.06 -4.99
C ILE A 380 -20.23 12.15 -4.74
N ALA A 381 -19.26 12.25 -5.65
CA ALA A 381 -18.18 13.23 -5.53
C ALA A 381 -18.72 14.66 -5.50
N ASN A 382 -19.64 14.96 -6.42
CA ASN A 382 -20.26 16.27 -6.47
C ASN A 382 -21.02 16.58 -5.20
N CYS A 383 -21.76 15.59 -4.70
CA CYS A 383 -22.52 15.73 -3.46
C CYS A 383 -21.61 16.06 -2.28
N LEU A 384 -20.48 15.36 -2.20
CA LEU A 384 -19.51 15.58 -1.15
C LEU A 384 -18.87 16.97 -1.26
N ARG A 385 -18.57 17.38 -2.48
CA ARG A 385 -17.95 18.68 -2.73
C ARG A 385 -18.89 19.84 -2.37
N LYS A 386 -20.19 19.60 -2.50
CA LYS A 386 -21.19 20.63 -2.21
C LYS A 386 -21.34 20.87 -0.71
N SER A 387 -20.70 20.03 0.09
CA SER A 387 -20.72 20.19 1.54
C SER A 387 -19.36 20.60 2.07
N GLY A 388 -18.47 21.00 1.16
CA GLY A 388 -17.17 21.52 1.54
C GLY A 388 -16.07 20.48 1.66
N LYS A 389 -16.26 19.33 1.01
CA LYS A 389 -15.27 18.26 1.06
C LYS A 389 -14.43 18.19 -0.21
N LYS A 390 -13.11 18.25 -0.04
CA LYS A 390 -12.18 18.08 -1.15
C LYS A 390 -12.23 16.65 -1.65
N VAL A 391 -12.60 16.46 -2.91
CA VAL A 391 -12.78 15.10 -3.44
C VAL A 391 -11.92 14.82 -4.68
N ILE A 392 -11.20 13.71 -4.64
CA ILE A 392 -10.43 13.24 -5.78
C ILE A 392 -11.08 11.99 -6.37
N GLN A 393 -11.34 12.01 -7.68
CA GLN A 393 -11.96 10.88 -8.34
C GLN A 393 -10.94 10.03 -9.10
N LEU A 394 -11.15 8.72 -9.09
CA LEU A 394 -10.24 7.80 -9.78
C LEU A 394 -11.00 6.84 -10.68
N SER A 395 -10.54 6.73 -11.93
CA SER A 395 -11.11 5.76 -12.86
C SER A 395 -10.00 5.03 -13.60
N ARG A 396 -10.38 4.06 -14.42
CA ARG A 396 -9.43 3.26 -15.19
C ARG A 396 -8.47 4.10 -16.03
N LYS A 397 -9.02 5.09 -16.72
CA LYS A 397 -8.26 5.88 -17.68
C LYS A 397 -7.58 7.10 -17.08
N THR A 398 -8.04 7.53 -15.92
CA THR A 398 -7.47 8.71 -15.27
C THR A 398 -6.57 8.33 -14.10
N PHE A 399 -6.41 7.04 -13.87
CA PHE A 399 -5.69 6.54 -12.69
C PHE A 399 -4.23 7.00 -12.62
N ASP A 400 -3.48 6.76 -13.69
CA ASP A 400 -2.05 7.07 -13.71
C ASP A 400 -1.77 8.57 -13.63
N THR A 401 -2.79 9.39 -13.80
CA THR A 401 -2.64 10.83 -13.73
C THR A 401 -3.20 11.39 -12.43
N GLU A 402 -4.32 10.83 -11.98
CA GLU A 402 -5.04 11.36 -10.82
C GLU A 402 -4.63 10.74 -9.48
N TYR A 403 -4.11 9.52 -9.52
CA TYR A 403 -3.62 8.89 -8.30
C TYR A 403 -2.40 9.62 -7.67
N PRO A 404 -1.44 10.08 -8.48
CA PRO A 404 -0.30 10.78 -7.87
C PRO A 404 -0.67 12.04 -7.07
N LYS A 405 -1.82 12.65 -7.34
CA LYS A 405 -2.20 13.86 -6.62
C LYS A 405 -3.02 13.52 -5.37
N THR A 406 -3.05 12.24 -5.01
CA THR A 406 -3.70 11.82 -3.77
C THR A 406 -2.68 11.79 -2.64
N LYS A 407 -1.52 12.38 -2.89
CA LYS A 407 -0.46 12.45 -1.88
C LYS A 407 0.31 13.77 -1.95
N LEU A 408 0.48 14.31 -3.15
CA LEU A 408 1.15 15.61 -3.29
C LEU A 408 0.17 16.73 -2.97
N THR A 409 -1.12 16.39 -2.94
CA THR A 409 -2.15 17.28 -2.41
C THR A 409 -2.86 16.56 -1.26
N ASP A 410 -3.57 17.31 -0.44
CA ASP A 410 -4.35 16.70 0.63
C ASP A 410 -5.84 16.83 0.36
N TRP A 411 -6.60 15.84 0.81
CA TRP A 411 -7.99 15.68 0.41
C TRP A 411 -8.84 15.12 1.55
N ASP A 412 -10.12 14.91 1.27
CA ASP A 412 -11.03 14.37 2.26
C ASP A 412 -11.57 13.01 1.83
N PHE A 413 -11.92 12.91 0.54
CA PHE A 413 -12.49 11.68 0.00
C PHE A 413 -11.87 11.31 -1.34
N VAL A 414 -11.51 10.05 -1.48
CA VAL A 414 -11.16 9.51 -2.80
C VAL A 414 -12.30 8.63 -3.29
N VAL A 415 -13.07 9.15 -4.23
CA VAL A 415 -14.15 8.39 -4.85
C VAL A 415 -13.61 7.63 -6.05
N THR A 416 -13.49 6.32 -5.92
CA THR A 416 -12.82 5.53 -6.95
C THR A 416 -13.63 4.33 -7.42
N THR A 417 -13.36 3.90 -8.65
CA THR A 417 -13.93 2.66 -9.15
C THR A 417 -13.05 1.50 -8.72
N ASP A 418 -13.30 0.32 -9.30
CA ASP A 418 -12.58 -0.89 -8.94
C ASP A 418 -11.08 -0.84 -9.25
N ILE A 419 -10.64 0.19 -9.96
CA ILE A 419 -9.24 0.31 -10.35
C ILE A 419 -8.32 0.45 -9.14
N SER A 420 -8.84 0.96 -8.04
CA SER A 420 -8.05 1.15 -6.83
C SER A 420 -7.84 -0.18 -6.08
N GLU A 421 -8.36 -1.27 -6.63
CA GLU A 421 -8.18 -2.58 -6.02
C GLU A 421 -6.88 -3.23 -6.48
N MET A 422 -6.07 -2.47 -7.23
CA MET A 422 -4.80 -2.98 -7.74
C MET A 422 -3.61 -2.13 -7.27
N GLY A 423 -3.07 -2.47 -6.11
CA GLY A 423 -1.83 -1.86 -5.63
C GLY A 423 -1.92 -0.40 -5.23
N ALA A 424 -3.09 0.21 -5.38
CA ALA A 424 -3.28 1.60 -5.02
C ALA A 424 -3.22 1.79 -3.51
N ASN A 425 -2.22 2.55 -3.05
CA ASN A 425 -2.01 2.74 -1.61
C ASN A 425 -2.39 4.16 -1.17
N PHE A 426 -3.32 4.24 -0.22
CA PHE A 426 -3.73 5.52 0.34
C PHE A 426 -3.37 5.62 1.82
N ARG A 427 -3.11 6.83 2.28
CA ARG A 427 -2.96 7.08 3.71
C ARG A 427 -4.32 7.45 4.29
N ALA A 428 -5.21 6.46 4.40
CA ALA A 428 -6.57 6.70 4.83
C ALA A 428 -6.90 5.97 6.13
N GLY A 429 -8.01 6.37 6.75
CA GLY A 429 -8.46 5.75 7.98
C GLY A 429 -9.76 4.99 7.80
N ARG A 430 -10.50 5.32 6.75
CA ARG A 430 -11.80 4.69 6.51
C ARG A 430 -12.01 4.34 5.03
N VAL A 431 -12.68 3.22 4.79
CA VAL A 431 -13.11 2.85 3.45
C VAL A 431 -14.61 2.63 3.42
N ILE A 432 -15.30 3.36 2.55
CA ILE A 432 -16.74 3.17 2.36
C ILE A 432 -16.96 2.27 1.14
N ASP A 433 -17.55 1.10 1.37
CA ASP A 433 -17.69 0.12 0.31
C ASP A 433 -19.08 -0.50 0.27
N PRO A 434 -19.95 0.06 -0.58
CA PRO A 434 -21.31 -0.49 -0.79
C PRO A 434 -21.28 -1.84 -1.51
N ARG A 435 -20.08 -2.33 -1.81
CA ARG A 435 -19.87 -3.66 -2.40
C ARG A 435 -20.66 -3.87 -3.69
N ARG A 436 -20.70 -2.83 -4.52
CA ARG A 436 -21.38 -2.93 -5.81
C ARG A 436 -20.42 -2.64 -6.96
N CYS A 437 -20.72 -3.17 -8.13
CA CYS A 437 -19.90 -2.95 -9.31
C CYS A 437 -20.69 -3.26 -10.59
N LEU A 438 -20.10 -2.91 -11.72
CA LEU A 438 -20.68 -3.26 -13.02
C LEU A 438 -19.94 -4.44 -13.62
N LYS A 439 -20.63 -5.22 -14.43
CA LYS A 439 -20.02 -6.40 -15.04
C LYS A 439 -20.32 -6.47 -16.53
N PRO A 440 -19.27 -6.37 -17.37
CA PRO A 440 -19.46 -6.54 -18.81
C PRO A 440 -19.81 -7.99 -19.15
N VAL A 441 -20.92 -8.17 -19.87
CA VAL A 441 -21.38 -9.51 -20.25
C VAL A 441 -21.62 -9.57 -21.76
N ILE A 442 -21.22 -10.66 -22.39
CA ILE A 442 -21.46 -10.86 -23.80
C ILE A 442 -22.77 -11.62 -24.02
N LEU A 443 -23.78 -10.93 -24.53
CA LEU A 443 -25.09 -11.53 -24.74
C LEU A 443 -25.17 -12.21 -26.10
N THR A 444 -25.83 -13.37 -26.14
CA THR A 444 -25.99 -14.11 -27.38
C THR A 444 -27.45 -14.29 -27.75
N ASP A 445 -28.29 -13.37 -27.30
CA ASP A 445 -29.70 -13.35 -27.68
C ASP A 445 -29.85 -12.92 -29.13
N GLY A 446 -29.42 -13.78 -30.05
CA GLY A 446 -29.35 -13.42 -31.46
C GLY A 446 -28.09 -12.62 -31.71
N PRO A 447 -28.25 -11.33 -32.08
CA PRO A 447 -27.13 -10.41 -32.30
C PRO A 447 -26.21 -10.33 -31.09
N GLU A 448 -24.96 -10.73 -31.26
CA GLU A 448 -23.99 -10.72 -30.16
C GLU A 448 -23.67 -9.29 -29.72
N ARG A 449 -23.79 -9.05 -28.43
CA ARG A 449 -23.65 -7.72 -27.85
C ARG A 449 -22.92 -7.76 -26.51
N VAL A 450 -22.47 -6.61 -26.04
CA VAL A 450 -21.86 -6.50 -24.73
C VAL A 450 -22.56 -5.42 -23.90
N ILE A 451 -23.14 -5.85 -22.78
CA ILE A 451 -23.83 -4.93 -21.88
C ILE A 451 -23.08 -4.76 -20.58
N LEU A 452 -23.38 -3.69 -19.86
CA LEU A 452 -22.86 -3.49 -18.52
C LEU A 452 -23.94 -3.82 -17.50
N ALA A 453 -23.87 -5.03 -16.95
CA ALA A 453 -24.87 -5.48 -15.98
C ALA A 453 -24.52 -4.98 -14.59
N GLY A 454 -25.48 -4.32 -13.94
CA GLY A 454 -25.25 -3.81 -12.60
C GLY A 454 -26.05 -2.57 -12.26
N PRO A 455 -25.82 -2.00 -11.06
CA PRO A 455 -24.85 -2.47 -10.06
C PRO A 455 -25.21 -3.81 -9.41
N ILE A 456 -24.24 -4.73 -9.43
CA ILE A 456 -24.40 -6.04 -8.80
C ILE A 456 -23.35 -6.19 -7.70
N PRO A 457 -23.57 -7.14 -6.77
CA PRO A 457 -22.57 -7.37 -5.71
C PRO A 457 -21.20 -7.73 -6.27
N VAL A 458 -20.15 -7.25 -5.62
CA VAL A 458 -18.78 -7.56 -6.02
C VAL A 458 -18.41 -8.98 -5.61
N THR A 459 -17.20 -9.39 -5.96
CA THR A 459 -16.70 -10.69 -5.55
C THR A 459 -16.10 -10.59 -4.16
N PRO A 460 -16.04 -11.72 -3.44
CA PRO A 460 -15.37 -11.75 -2.12
C PRO A 460 -13.94 -11.23 -2.18
N ALA A 461 -13.22 -11.56 -3.25
CA ALA A 461 -11.85 -11.09 -3.44
C ALA A 461 -11.81 -9.57 -3.58
N SER A 462 -12.74 -9.03 -4.36
CA SER A 462 -12.83 -7.60 -4.57
C SER A 462 -13.13 -6.87 -3.26
N ALA A 463 -14.07 -7.42 -2.49
CA ALA A 463 -14.40 -6.87 -1.18
C ALA A 463 -13.19 -6.88 -0.27
N ALA A 464 -12.42 -7.96 -0.32
CA ALA A 464 -11.21 -8.08 0.48
C ALA A 464 -10.16 -7.06 0.06
N GLN A 465 -10.08 -6.79 -1.24
CA GLN A 465 -9.08 -5.85 -1.76
C GLN A 465 -9.48 -4.40 -1.50
N ARG A 466 -10.78 -4.11 -1.58
CA ARG A 466 -11.28 -2.78 -1.25
C ARG A 466 -11.04 -2.49 0.23
N ARG A 467 -11.33 -3.49 1.05
CA ARG A 467 -11.07 -3.42 2.49
C ARG A 467 -9.57 -3.30 2.76
N GLY A 468 -8.78 -3.88 1.86
CA GLY A 468 -7.33 -3.89 2.01
C GLY A 468 -6.66 -2.56 1.85
N ARG A 469 -7.42 -1.53 1.46
CA ARG A 469 -6.86 -0.18 1.34
C ARG A 469 -6.47 0.36 2.70
N ILE A 470 -7.07 -0.17 3.75
CA ILE A 470 -6.77 0.24 5.11
C ILE A 470 -6.27 -0.93 5.96
N GLY A 471 -6.07 -0.66 7.25
CA GLY A 471 -5.53 -1.66 8.16
C GLY A 471 -4.08 -1.94 7.85
N ARG A 472 -3.41 -0.95 7.25
CA ARG A 472 -2.04 -1.11 6.78
C ARG A 472 -1.04 -0.38 7.66
N ASN A 473 -1.50 0.68 8.35
CA ASN A 473 -0.62 1.49 9.17
C ASN A 473 -0.64 1.08 10.64
N PRO A 474 0.51 0.65 11.16
CA PRO A 474 0.67 0.24 12.56
C PRO A 474 0.42 1.36 13.56
N ALA A 475 0.44 2.61 13.09
CA ALA A 475 0.18 3.75 13.95
C ALA A 475 -1.28 3.80 14.38
N GLN A 476 -2.17 4.05 13.43
CA GLN A 476 -3.60 4.07 13.70
C GLN A 476 -4.10 2.69 14.04
N GLU A 477 -4.80 2.57 15.17
CA GLU A 477 -5.32 1.29 15.62
C GLU A 477 -6.84 1.22 15.49
N ASP A 478 -7.41 2.17 14.75
CA ASP A 478 -8.86 2.26 14.63
C ASP A 478 -9.32 2.58 13.21
N ASP A 479 -8.78 1.88 12.23
CA ASP A 479 -9.24 2.01 10.85
C ASP A 479 -10.63 1.41 10.71
N GLN A 480 -11.47 2.03 9.88
CA GLN A 480 -12.86 1.60 9.76
C GLN A 480 -13.22 1.16 8.34
N TYR A 481 -13.74 -0.04 8.22
CA TYR A 481 -14.25 -0.52 6.93
C TYR A 481 -15.79 -0.53 6.95
N VAL A 482 -16.38 0.55 6.47
CA VAL A 482 -17.83 0.66 6.43
C VAL A 482 -18.37 0.06 5.14
N PHE A 483 -19.20 -0.97 5.28
CA PHE A 483 -19.69 -1.70 4.10
C PHE A 483 -21.19 -1.97 4.17
N SER A 484 -21.73 -2.44 3.05
CA SER A 484 -23.14 -2.81 2.95
C SER A 484 -23.32 -3.99 2.01
N GLY A 485 -24.24 -4.88 2.36
CA GLY A 485 -24.52 -6.05 1.53
C GLY A 485 -23.44 -7.11 1.59
N ASP A 486 -23.66 -8.19 0.87
CA ASP A 486 -22.71 -9.30 0.83
C ASP A 486 -22.11 -9.49 -0.57
N PRO A 487 -20.89 -10.03 -0.64
CA PRO A 487 -20.27 -10.33 -1.93
C PRO A 487 -20.96 -11.50 -2.63
N LEU A 488 -20.69 -11.67 -3.92
CA LEU A 488 -21.32 -12.75 -4.67
C LEU A 488 -20.35 -13.34 -5.69
N LYS A 489 -20.19 -14.67 -5.65
CA LYS A 489 -19.34 -15.36 -6.60
C LYS A 489 -20.13 -15.70 -7.87
N ASN A 490 -20.43 -14.69 -8.66
CA ASN A 490 -21.20 -14.87 -9.89
C ASN A 490 -20.63 -14.07 -11.06
N ASP A 491 -19.36 -14.35 -11.37
CA ASP A 491 -18.69 -13.66 -12.48
C ASP A 491 -18.29 -14.64 -13.58
N GLU A 492 -19.05 -15.73 -13.71
CA GLU A 492 -18.80 -16.71 -14.75
C GLU A 492 -19.04 -16.12 -16.14
N ASP A 493 -20.07 -15.30 -16.25
CA ASP A 493 -20.46 -14.71 -17.52
C ASP A 493 -19.75 -13.38 -17.77
N HIS A 494 -18.69 -13.13 -17.02
CA HIS A 494 -17.88 -11.92 -17.19
C HIS A 494 -17.20 -11.95 -18.55
N ALA A 495 -17.26 -10.83 -19.26
CA ALA A 495 -16.73 -10.74 -20.62
C ALA A 495 -15.21 -10.90 -20.66
N HIS A 496 -14.55 -10.59 -19.55
CA HIS A 496 -13.09 -10.56 -19.51
C HIS A 496 -12.44 -11.92 -19.77
N TRP A 497 -13.12 -13.01 -19.40
CA TRP A 497 -12.59 -14.35 -19.63
C TRP A 497 -12.57 -14.66 -21.13
N THR A 498 -13.66 -14.32 -21.80
CA THR A 498 -13.78 -14.51 -23.25
C THR A 498 -12.77 -13.63 -23.96
N GLU A 499 -12.70 -12.37 -23.55
CA GLU A 499 -11.79 -11.40 -24.16
C GLU A 499 -10.33 -11.81 -23.98
N ALA A 500 -10.03 -12.39 -22.83
CA ALA A 500 -8.68 -12.87 -22.56
C ALA A 500 -8.34 -14.03 -23.48
N LYS A 501 -9.35 -14.83 -23.80
CA LYS A 501 -9.18 -15.95 -24.70
C LYS A 501 -8.96 -15.44 -26.13
N MET A 502 -9.60 -14.31 -26.44
CA MET A 502 -9.42 -13.66 -27.73
C MET A 502 -7.98 -13.21 -27.90
N LEU A 503 -7.45 -12.55 -26.88
CA LEU A 503 -6.07 -12.09 -26.86
C LEU A 503 -5.09 -13.26 -26.94
N LEU A 504 -5.31 -14.26 -26.11
CA LEU A 504 -4.40 -15.38 -25.97
C LEU A 504 -4.37 -16.26 -27.21
N ASP A 505 -5.47 -16.27 -27.96
CA ASP A 505 -5.54 -17.05 -29.19
C ASP A 505 -4.66 -16.47 -30.29
N ASN A 506 -4.37 -15.18 -30.20
CA ASN A 506 -3.51 -14.53 -31.17
C ASN A 506 -2.08 -14.36 -30.65
N ILE A 507 -1.62 -15.35 -29.90
CA ILE A 507 -0.25 -15.36 -29.40
C ILE A 507 0.46 -16.65 -29.80
N TYR A 508 1.43 -16.54 -30.69
CA TYR A 508 2.10 -17.70 -31.27
C TYR A 508 2.86 -18.52 -30.24
N THR A 509 2.75 -19.84 -30.36
CA THR A 509 3.42 -20.78 -29.49
C THR A 509 4.00 -21.93 -30.32
N PRO A 510 4.94 -22.71 -29.76
CA PRO A 510 5.50 -23.85 -30.50
C PRO A 510 4.47 -24.90 -30.91
N GLU A 511 4.95 -25.97 -31.55
CA GLU A 511 4.08 -27.03 -32.03
C GLU A 511 3.65 -27.97 -30.91
N GLY A 512 2.34 -28.07 -30.70
CA GLY A 512 1.79 -28.91 -29.65
C GLY A 512 1.42 -28.10 -28.42
N ILE A 513 2.18 -27.06 -28.14
CA ILE A 513 1.93 -26.19 -27.01
C ILE A 513 0.84 -25.16 -27.33
N ILE A 514 -0.32 -25.32 -26.69
CA ILE A 514 -1.43 -24.40 -26.90
C ILE A 514 -1.64 -23.54 -25.66
N PRO A 515 -1.59 -22.22 -25.83
CA PRO A 515 -1.74 -21.27 -24.73
C PRO A 515 -3.18 -21.05 -24.29
N THR A 516 -3.59 -21.72 -23.22
CA THR A 516 -4.91 -21.52 -22.66
C THR A 516 -4.82 -20.66 -21.40
N LEU A 517 -5.97 -20.27 -20.86
CA LEU A 517 -6.02 -19.41 -19.68
C LEU A 517 -5.38 -20.07 -18.47
N PHE A 518 -5.15 -19.29 -17.42
CA PHE A 518 -4.62 -19.82 -16.17
C PHE A 518 -5.65 -20.74 -15.54
N GLY A 519 -5.20 -21.95 -15.18
CA GLY A 519 -6.06 -23.03 -14.68
C GLY A 519 -7.30 -22.65 -13.89
N PRO A 520 -7.09 -22.11 -12.68
CA PRO A 520 -8.19 -21.68 -11.79
C PRO A 520 -9.09 -20.58 -12.37
N GLU A 521 -8.77 -20.08 -13.56
CA GLU A 521 -9.57 -19.03 -14.18
C GLU A 521 -10.19 -19.47 -15.51
N ARG A 522 -9.92 -20.70 -15.91
CA ARG A 522 -10.33 -21.18 -17.22
C ARG A 522 -11.73 -21.80 -17.21
N GLU A 523 -12.09 -22.42 -16.09
CA GLU A 523 -13.41 -22.99 -15.91
C GLU A 523 -14.48 -21.89 -15.90
N LYS A 524 -14.04 -20.66 -15.66
CA LYS A 524 -14.92 -19.50 -15.68
C LYS A 524 -15.54 -19.27 -17.06
N THR A 525 -14.75 -19.49 -18.11
CA THR A 525 -15.26 -19.33 -19.47
C THR A 525 -15.65 -20.67 -20.07
N GLN A 526 -16.60 -20.64 -21.00
CA GLN A 526 -17.03 -21.85 -21.69
C GLN A 526 -16.48 -21.88 -23.11
N ALA A 527 -15.80 -20.79 -23.49
CA ALA A 527 -15.22 -20.67 -24.82
C ALA A 527 -14.11 -21.71 -25.03
N ILE A 528 -14.09 -22.30 -26.22
CA ILE A 528 -13.09 -23.30 -26.55
C ILE A 528 -11.80 -22.62 -27.04
N ASP A 529 -10.77 -23.43 -27.27
CA ASP A 529 -9.46 -22.91 -27.62
C ASP A 529 -9.30 -22.62 -29.10
N GLY A 530 -8.59 -21.53 -29.41
CA GLY A 530 -8.21 -21.20 -30.77
C GLY A 530 -9.31 -20.71 -31.67
N GLU A 531 -10.52 -20.56 -31.13
CA GLU A 531 -11.65 -20.14 -31.93
C GLU A 531 -11.61 -18.65 -32.29
N PHE A 532 -10.56 -17.95 -31.83
CA PHE A 532 -10.45 -16.52 -32.06
C PHE A 532 -9.17 -16.14 -32.81
N ARG A 533 -8.39 -17.12 -33.22
CA ARG A 533 -7.15 -16.84 -33.94
C ARG A 533 -7.41 -16.19 -35.28
N LEU A 534 -6.76 -15.05 -35.52
CA LEU A 534 -6.98 -14.27 -36.74
C LEU A 534 -5.84 -14.42 -37.74
N ARG A 535 -6.08 -14.03 -38.98
CA ARG A 535 -5.07 -14.07 -40.02
C ARG A 535 -3.98 -13.04 -39.74
N GLY A 536 -2.93 -13.04 -40.57
CA GLY A 536 -1.77 -12.20 -40.35
C GLY A 536 -2.05 -10.72 -40.21
N GLU A 537 -2.70 -10.14 -41.22
CA GLU A 537 -2.97 -8.71 -41.24
C GLU A 537 -4.15 -8.32 -40.34
N GLN A 538 -5.15 -9.19 -40.27
CA GLN A 538 -6.33 -8.93 -39.44
C GLN A 538 -5.96 -8.90 -37.95
N ARG A 539 -4.97 -9.69 -37.58
CA ARG A 539 -4.46 -9.70 -36.22
C ARG A 539 -3.80 -8.36 -35.89
N LYS A 540 -3.12 -7.78 -36.88
CA LYS A 540 -2.50 -6.47 -36.73
C LYS A 540 -3.57 -5.39 -36.57
N THR A 541 -4.64 -5.51 -37.34
CA THR A 541 -5.79 -4.60 -37.24
C THR A 541 -6.38 -4.71 -35.83
N PHE A 542 -6.50 -5.93 -35.34
CA PHE A 542 -7.00 -6.21 -34.00
C PHE A 542 -6.19 -5.47 -32.94
N VAL A 543 -4.86 -5.59 -33.03
CA VAL A 543 -3.96 -4.97 -32.07
C VAL A 543 -4.07 -3.45 -32.12
N GLU A 544 -4.13 -2.90 -33.33
CA GLU A 544 -4.20 -1.45 -33.50
C GLU A 544 -5.53 -0.89 -33.02
N LEU A 545 -6.60 -1.65 -33.23
CA LEU A 545 -7.93 -1.23 -32.78
C LEU A 545 -7.98 -1.13 -31.26
N MET A 546 -7.23 -1.99 -30.59
CA MET A 546 -7.19 -2.00 -29.13
C MET A 546 -6.25 -0.94 -28.55
N ARG A 547 -5.03 -0.90 -29.08
CA ARG A 547 -3.97 -0.08 -28.49
C ARG A 547 -3.89 1.32 -29.08
N ARG A 548 -4.51 1.54 -30.23
CA ARG A 548 -4.49 2.88 -30.84
C ARG A 548 -5.90 3.46 -30.92
N GLY A 549 -6.89 2.60 -31.15
CA GLY A 549 -8.27 3.05 -31.18
C GLY A 549 -8.87 3.09 -29.79
N ASP A 550 -8.17 2.48 -28.84
CA ASP A 550 -8.61 2.38 -27.45
C ASP A 550 -10.00 1.76 -27.35
N LEU A 551 -10.24 0.75 -28.19
CA LEU A 551 -11.50 0.02 -28.18
C LEU A 551 -11.37 -1.24 -27.33
N PRO A 552 -12.49 -1.71 -26.76
CA PRO A 552 -12.50 -2.97 -26.01
C PRO A 552 -12.07 -4.16 -26.87
N VAL A 553 -11.62 -5.23 -26.22
CA VAL A 553 -11.13 -6.40 -26.92
C VAL A 553 -12.21 -7.05 -27.79
N TRP A 554 -13.42 -7.13 -27.25
CA TRP A 554 -14.55 -7.73 -27.96
C TRP A 554 -14.88 -6.99 -29.24
N LEU A 555 -15.04 -5.67 -29.13
CA LEU A 555 -15.38 -4.84 -30.28
C LEU A 555 -14.27 -4.87 -31.31
N SER A 556 -13.02 -4.78 -30.84
CA SER A 556 -11.87 -4.82 -31.72
C SER A 556 -11.79 -6.14 -32.49
N TYR A 557 -12.07 -7.24 -31.80
CA TYR A 557 -12.06 -8.55 -32.43
C TYR A 557 -13.17 -8.66 -33.47
N LYS A 558 -14.34 -8.12 -33.15
CA LYS A 558 -15.49 -8.17 -34.03
C LYS A 558 -15.22 -7.41 -35.33
N VAL A 559 -14.59 -6.24 -35.21
CA VAL A 559 -14.28 -5.41 -36.37
C VAL A 559 -13.16 -6.01 -37.20
N ALA A 560 -12.11 -6.49 -36.54
CA ALA A 560 -10.93 -7.01 -37.21
C ALA A 560 -11.21 -8.34 -37.92
N SER A 561 -12.03 -9.18 -37.31
CA SER A 561 -12.36 -10.48 -37.90
C SER A 561 -13.25 -10.32 -39.13
N ALA A 562 -13.92 -9.18 -39.23
CA ALA A 562 -14.80 -8.89 -40.36
C ALA A 562 -14.00 -8.40 -41.56
N GLY A 563 -12.69 -8.30 -41.40
CA GLY A 563 -11.81 -7.89 -42.48
C GLY A 563 -11.68 -6.38 -42.61
N ILE A 564 -12.35 -5.66 -41.73
CA ILE A 564 -12.33 -4.20 -41.76
C ILE A 564 -10.96 -3.64 -41.39
N SER A 565 -10.47 -2.70 -42.19
CA SER A 565 -9.21 -2.02 -41.90
C SER A 565 -9.38 -1.07 -40.72
N TYR A 566 -8.27 -0.55 -40.20
CA TYR A 566 -8.33 0.34 -39.06
C TYR A 566 -8.97 1.69 -39.40
N LYS A 567 -8.69 2.19 -40.59
CA LYS A 567 -9.16 3.51 -41.00
C LYS A 567 -10.62 3.51 -41.44
N ASP A 568 -11.13 2.34 -41.82
CA ASP A 568 -12.53 2.22 -42.23
C ASP A 568 -13.46 2.34 -41.02
N ARG A 569 -14.27 3.39 -40.99
CA ARG A 569 -15.12 3.68 -39.85
C ARG A 569 -16.60 3.58 -40.20
N GLU A 570 -16.90 3.02 -41.36
CA GLU A 570 -18.28 2.91 -41.85
C GLU A 570 -19.16 2.06 -40.94
N TRP A 571 -18.55 1.11 -40.24
CA TRP A 571 -19.30 0.19 -39.38
C TRP A 571 -19.89 0.90 -38.16
N CYS A 572 -19.43 2.12 -37.90
CA CYS A 572 -19.92 2.89 -36.76
C CYS A 572 -21.31 3.46 -37.03
N PHE A 573 -21.81 3.27 -38.25
CA PHE A 573 -23.08 3.86 -38.66
C PHE A 573 -23.99 2.85 -39.36
N THR A 574 -23.52 1.61 -39.47
CA THR A 574 -24.23 0.58 -40.24
C THR A 574 -25.27 -0.16 -39.40
N GLY A 575 -25.14 -0.06 -38.08
CA GLY A 575 -25.96 -0.85 -37.17
C GLY A 575 -27.47 -0.73 -37.29
N GLU A 576 -28.16 -1.70 -36.72
CA GLU A 576 -29.61 -1.70 -36.67
C GLU A 576 -30.12 -0.57 -35.78
N ARG A 577 -31.43 -0.33 -35.80
CA ARG A 577 -32.05 0.78 -35.10
C ARG A 577 -31.67 0.85 -33.61
N ASN A 578 -31.77 -0.28 -32.92
CA ASN A 578 -31.53 -0.31 -31.48
C ASN A 578 -30.05 -0.21 -31.10
N ASN A 579 -29.19 -0.09 -32.10
CA ASN A 579 -27.77 0.15 -31.85
C ASN A 579 -27.47 1.65 -31.84
N GLN A 580 -28.52 2.46 -31.82
CA GLN A 580 -28.37 3.90 -31.75
C GLN A 580 -27.82 4.32 -30.39
N ILE A 581 -26.70 5.06 -30.42
CA ILE A 581 -26.05 5.50 -29.20
C ILE A 581 -26.67 6.79 -28.68
N LEU A 582 -26.93 6.83 -27.37
CA LEU A 582 -27.51 8.00 -26.75
C LEU A 582 -26.54 8.72 -25.82
N GLU A 583 -26.58 10.05 -25.86
CA GLU A 583 -25.84 10.88 -24.91
C GLU A 583 -26.77 11.95 -24.36
N GLU A 584 -26.96 11.95 -23.04
CA GLU A 584 -27.85 12.89 -22.38
C GLU A 584 -29.24 12.84 -22.99
N ASN A 585 -29.71 11.62 -23.27
CA ASN A 585 -31.01 11.37 -23.87
C ASN A 585 -31.16 11.93 -25.29
N MET A 586 -30.03 12.21 -25.92
CA MET A 586 -30.01 12.62 -27.32
C MET A 586 -29.58 11.47 -28.21
N GLU A 587 -30.09 11.41 -29.43
CA GLU A 587 -29.53 10.51 -30.43
C GLU A 587 -28.23 11.12 -30.93
N VAL A 588 -27.11 10.53 -30.53
CA VAL A 588 -25.78 11.04 -30.87
C VAL A 588 -25.58 11.13 -32.39
N GLU A 589 -25.10 12.28 -32.84
CA GLU A 589 -24.79 12.47 -34.26
C GLU A 589 -23.37 12.95 -34.47
N ILE A 590 -22.71 12.38 -35.47
CA ILE A 590 -21.30 12.61 -35.70
C ILE A 590 -21.03 13.18 -37.10
N TRP A 591 -20.16 14.18 -37.17
CA TRP A 591 -19.68 14.69 -38.46
C TRP A 591 -18.40 13.96 -38.83
N THR A 592 -18.46 13.21 -39.94
CA THR A 592 -17.32 12.42 -40.40
C THR A 592 -16.21 13.33 -40.93
N ARG A 593 -15.06 12.72 -41.21
CA ARG A 593 -13.88 13.45 -41.68
C ARG A 593 -14.12 14.06 -43.06
N GLU A 594 -14.93 13.38 -43.87
CA GLU A 594 -15.30 13.91 -45.18
C GLU A 594 -16.22 15.11 -45.02
N GLY A 595 -16.98 15.13 -43.91
CA GLY A 595 -17.85 16.24 -43.61
C GLY A 595 -19.32 15.87 -43.70
N GLU A 596 -19.62 14.59 -43.51
CA GLU A 596 -21.00 14.10 -43.60
C GLU A 596 -21.57 13.84 -42.21
N LYS A 597 -22.83 14.21 -42.04
CA LYS A 597 -23.53 14.06 -40.76
C LYS A 597 -24.24 12.71 -40.68
N LYS A 598 -23.73 11.83 -39.82
CA LYS A 598 -24.32 10.52 -39.63
C LYS A 598 -24.72 10.28 -38.17
N LYS A 599 -25.72 9.44 -37.98
CA LYS A 599 -26.13 9.03 -36.63
C LYS A 599 -25.22 7.92 -36.12
N LEU A 600 -24.65 8.11 -34.93
CA LEU A 600 -23.78 7.11 -34.33
C LEU A 600 -24.56 5.84 -34.03
N ARG A 601 -24.39 4.84 -34.90
CA ARG A 601 -25.15 3.60 -34.79
C ARG A 601 -24.29 2.41 -35.22
N PRO A 602 -23.39 1.96 -34.31
CA PRO A 602 -22.40 0.92 -34.59
C PRO A 602 -23.02 -0.42 -35.00
N LYS A 603 -22.35 -1.13 -35.89
CA LYS A 603 -22.78 -2.45 -36.32
C LYS A 603 -22.70 -3.43 -35.16
N TRP A 604 -21.66 -3.28 -34.35
CA TRP A 604 -21.49 -4.08 -33.14
C TRP A 604 -21.55 -3.17 -31.91
N LEU A 605 -22.40 -3.53 -30.95
CA LEU A 605 -22.64 -2.67 -29.81
C LEU A 605 -21.91 -3.13 -28.55
N ASP A 606 -21.01 -2.29 -28.07
CA ASP A 606 -20.33 -2.52 -26.80
C ASP A 606 -20.67 -1.39 -25.85
N ALA A 607 -21.29 -1.73 -24.72
CA ALA A 607 -21.74 -0.74 -23.75
C ALA A 607 -20.59 0.12 -23.21
N ARG A 608 -19.41 -0.46 -23.16
CA ARG A 608 -18.25 0.18 -22.54
C ARG A 608 -17.73 1.40 -23.32
N VAL A 609 -18.21 1.58 -24.53
CA VAL A 609 -17.77 2.72 -25.34
C VAL A 609 -18.71 3.92 -25.16
N TYR A 610 -19.83 3.71 -24.48
CA TYR A 610 -20.73 4.81 -24.16
C TYR A 610 -21.18 4.74 -22.70
N ALA A 611 -20.36 4.09 -21.87
CA ALA A 611 -20.64 3.95 -20.46
C ALA A 611 -20.57 5.28 -19.72
N ASP A 612 -19.47 5.99 -19.93
CA ASP A 612 -19.23 7.27 -19.27
C ASP A 612 -18.91 8.35 -20.31
N PRO A 613 -19.02 9.63 -19.93
CA PRO A 613 -18.75 10.74 -20.86
C PRO A 613 -17.43 10.63 -21.62
N MET A 614 -16.33 10.33 -20.92
CA MET A 614 -15.01 10.33 -21.55
C MET A 614 -14.86 9.20 -22.57
N ALA A 615 -15.39 8.03 -22.25
CA ALA A 615 -15.36 6.89 -23.16
C ALA A 615 -16.15 7.19 -24.42
N LEU A 616 -17.26 7.90 -24.25
CA LEU A 616 -18.11 8.27 -25.37
C LEU A 616 -17.45 9.36 -26.22
N LYS A 617 -16.72 10.26 -25.58
CA LYS A 617 -15.98 11.29 -26.29
C LYS A 617 -14.90 10.67 -27.15
N ASP A 618 -14.13 9.76 -26.57
CA ASP A 618 -13.06 9.07 -27.29
C ASP A 618 -13.62 8.26 -28.46
N PHE A 619 -14.72 7.56 -28.21
CA PHE A 619 -15.34 6.73 -29.24
C PHE A 619 -15.93 7.58 -30.36
N LYS A 620 -16.40 8.77 -30.01
CA LYS A 620 -16.92 9.70 -31.00
C LYS A 620 -15.79 10.27 -31.83
N GLU A 621 -14.62 10.43 -31.22
CA GLU A 621 -13.43 10.86 -31.95
C GLU A 621 -13.00 9.78 -32.92
N PHE A 622 -13.18 8.53 -32.51
CA PHE A 622 -12.85 7.38 -33.36
C PHE A 622 -13.78 7.30 -34.55
N ALA A 623 -15.07 7.45 -34.29
CA ALA A 623 -16.09 7.34 -35.34
C ALA A 623 -15.95 8.44 -36.38
N SER A 624 -15.37 9.57 -35.97
CA SER A 624 -15.19 10.70 -36.89
C SER A 624 -13.98 10.49 -37.79
N GLY A 625 -13.12 9.54 -37.43
CA GLY A 625 -11.92 9.28 -38.18
C GLY A 625 -10.82 10.26 -37.80
N ARG A 626 -10.96 10.88 -36.64
CA ARG A 626 -9.97 11.83 -36.15
C ARG A 626 -9.10 11.20 -35.08
N LYS A 627 -9.02 9.87 -35.10
CA LYS A 627 -8.21 9.14 -34.14
C LYS A 627 -7.50 7.96 -34.81
N ASP B 10 1.57 17.58 14.77
CA ASP B 10 1.52 17.71 16.22
C ASP B 10 2.90 17.72 16.83
N LEU B 11 3.86 17.10 16.14
CA LEU B 11 5.23 17.02 16.64
C LEU B 11 6.18 17.92 15.84
N SER B 12 7.06 18.60 16.57
CA SER B 12 8.09 19.43 15.95
C SER B 12 9.48 19.01 16.41
N LEU B 13 10.49 19.35 15.62
CA LEU B 13 11.86 19.00 15.95
C LEU B 13 12.70 20.25 16.22
N GLU B 14 13.81 20.08 16.94
CA GLU B 14 14.70 21.18 17.28
C GLU B 14 16.11 20.69 17.56
N LYS B 15 17.10 21.40 17.02
CA LYS B 15 18.49 21.03 17.19
C LYS B 15 18.93 21.14 18.65
N ALA B 16 19.73 20.16 19.09
CA ALA B 16 20.20 20.13 20.47
C ALA B 16 21.71 20.00 20.54
N ALA B 17 22.25 18.97 19.90
CA ALA B 17 23.68 18.71 19.91
C ALA B 17 24.09 17.74 18.80
N ASN B 18 25.38 17.43 18.75
CA ASN B 18 25.90 16.42 17.84
C ASN B 18 26.61 15.33 18.62
N VAL B 19 26.59 14.11 18.08
CA VAL B 19 27.15 12.95 18.76
C VAL B 19 28.65 13.10 19.00
N GLN B 20 29.02 13.29 20.26
CA GLN B 20 30.42 13.46 20.63
C GLN B 20 30.70 12.95 22.04
N TRP B 21 31.86 12.36 22.24
CA TRP B 21 32.29 11.92 23.56
C TRP B 21 33.04 13.04 24.27
N ASP B 22 32.51 13.49 25.39
CA ASP B 22 33.10 14.59 26.13
C ASP B 22 34.18 14.09 27.09
N GLU B 23 35.42 14.49 26.82
CA GLU B 23 36.55 14.09 27.65
C GLU B 23 36.55 14.84 28.98
N MET B 24 35.84 15.97 29.02
CA MET B 24 35.80 16.82 30.20
C MET B 24 34.62 16.50 31.11
N ALA B 25 33.98 15.36 30.85
CA ALA B 25 32.81 14.95 31.64
C ALA B 25 33.22 14.23 32.92
N ASP B 26 32.36 14.29 33.93
CA ASP B 26 32.65 13.66 35.22
C ASP B 26 31.98 12.30 35.35
N ILE B 27 32.47 11.50 36.29
CA ILE B 27 31.96 10.13 36.48
C ILE B 27 30.96 10.06 37.64
N THR B 28 29.84 9.41 37.40
CA THR B 28 28.81 9.20 38.42
C THR B 28 28.20 7.82 38.22
N GLY B 29 27.21 7.48 39.04
CA GLY B 29 26.45 6.24 38.85
C GLY B 29 27.09 5.01 39.46
N SER B 30 26.33 3.91 39.44
CA SER B 30 26.80 2.63 39.93
C SER B 30 26.65 1.56 38.86
N SER B 31 27.14 0.36 39.14
CA SER B 31 27.03 -0.74 38.18
C SER B 31 26.53 -2.02 38.83
N PRO B 32 25.23 -2.06 39.18
CA PRO B 32 24.64 -3.25 39.81
C PRO B 32 24.10 -4.25 38.80
N ILE B 33 23.69 -5.41 39.28
CA ILE B 33 23.08 -6.43 38.43
C ILE B 33 21.66 -6.74 38.91
N ILE B 34 20.67 -6.30 38.15
CA ILE B 34 19.28 -6.49 38.53
C ILE B 34 18.56 -7.38 37.51
N GLU B 35 17.64 -8.21 37.99
CA GLU B 35 16.91 -9.13 37.12
C GLU B 35 15.74 -8.42 36.45
N VAL B 36 15.76 -8.38 35.12
CA VAL B 36 14.71 -7.70 34.37
C VAL B 36 13.79 -8.73 33.70
N LYS B 37 12.52 -8.37 33.56
CA LYS B 37 11.57 -9.20 32.83
C LYS B 37 10.86 -8.36 31.79
N GLN B 38 11.20 -8.61 30.51
CA GLN B 38 10.71 -7.80 29.41
C GLN B 38 9.22 -7.99 29.17
N ASP B 39 8.69 -7.24 28.21
CA ASP B 39 7.25 -7.30 27.91
C ASP B 39 7.03 -7.14 26.41
N GLU B 40 5.78 -7.32 25.97
CA GLU B 40 5.45 -7.22 24.55
C GLU B 40 5.62 -5.79 24.02
N ASP B 41 5.33 -4.82 24.88
CA ASP B 41 5.44 -3.41 24.50
C ASP B 41 6.87 -2.89 24.65
N GLY B 42 7.79 -3.78 25.00
CA GLY B 42 9.18 -3.43 25.14
C GLY B 42 9.51 -2.82 26.49
N SER B 43 8.57 -2.97 27.43
CA SER B 43 8.76 -2.42 28.78
C SER B 43 9.67 -3.30 29.63
N PHE B 44 9.81 -2.91 30.89
CA PHE B 44 10.66 -3.64 31.83
C PHE B 44 9.99 -3.81 33.19
N SER B 45 10.37 -4.87 33.89
CA SER B 45 9.87 -5.13 35.23
C SER B 45 10.98 -5.73 36.09
N ILE B 46 10.64 -6.13 37.31
CA ILE B 46 11.63 -6.69 38.22
C ILE B 46 11.33 -8.17 38.50
N ARG B 47 12.23 -9.04 38.07
CA ARG B 47 12.08 -10.47 38.30
C ARG B 47 12.46 -10.86 39.72
N ARG C 1 -17.75 4.94 41.00
CA ARG C 1 -16.47 5.09 40.30
C ARG C 1 -15.59 3.87 40.52
N PRO C 2 -14.86 3.45 39.47
CA PRO C 2 -14.02 2.24 39.47
C PRO C 2 -12.96 2.22 40.58
N ASP C 3 -12.34 1.07 40.77
CA ASP C 3 -11.39 0.87 41.86
C ASP C 3 -9.95 1.18 41.46
N PHE C 4 -9.72 1.55 40.21
CA PHE C 4 -8.38 1.95 39.80
C PHE C 4 -8.24 3.47 39.93
N CYS C 5 -9.35 4.15 40.12
CA CYS C 5 -9.34 5.58 40.42
C CYS C 5 -8.75 5.79 41.81
N LEU C 6 -8.71 4.70 42.57
CA LEU C 6 -8.01 4.64 43.85
C LEU C 6 -6.56 5.06 43.69
N GLU C 7 -5.90 4.49 42.68
CA GLU C 7 -4.47 4.67 42.45
C GLU C 7 -4.06 6.12 42.22
N PRO C 8 -2.91 6.51 42.78
CA PRO C 8 -2.28 7.80 42.50
C PRO C 8 -1.73 7.83 41.07
N PRO C 9 -1.51 9.03 40.51
CA PRO C 9 -0.96 9.16 39.16
C PRO C 9 0.37 8.43 39.01
N TYR C 10 0.48 7.60 37.99
CA TYR C 10 1.65 6.72 37.85
C TYR C 10 2.51 7.06 36.64
N THR C 11 3.61 7.76 36.88
CA THR C 11 4.65 7.93 35.88
C THR C 11 5.48 6.65 35.83
N GLY C 12 5.47 5.98 34.69
CA GLY C 12 6.13 4.68 34.56
C GLY C 12 7.64 4.77 34.52
N PRO C 13 8.28 3.62 34.26
CA PRO C 13 9.75 3.50 34.21
C PRO C 13 10.35 3.92 32.87
N CYS C 14 9.60 4.67 32.06
CA CYS C 14 10.15 5.24 30.84
C CYS C 14 10.38 6.74 31.03
N LYS C 15 11.22 7.33 30.17
CA LYS C 15 11.69 8.68 30.41
C LYS C 15 11.20 9.71 29.39
N ALA C 16 10.03 9.46 28.79
CA ALA C 16 9.41 10.46 27.93
C ALA C 16 8.60 11.43 28.78
N ARG C 17 8.07 12.47 28.14
CA ARG C 17 7.23 13.43 28.85
C ARG C 17 5.91 13.61 28.11
N ILE C 18 4.94 12.77 28.44
CA ILE C 18 3.63 12.82 27.80
C ILE C 18 2.57 13.23 28.81
N ILE C 19 2.05 14.44 28.68
CA ILE C 19 1.04 14.95 29.60
C ILE C 19 -0.26 14.16 29.49
N ARG C 20 -0.66 13.54 30.60
CA ARG C 20 -1.89 12.78 30.65
C ARG C 20 -2.78 13.28 31.78
N TYR C 21 -3.90 12.62 32.00
CA TYR C 21 -4.84 13.02 33.05
C TYR C 21 -5.06 11.91 34.06
N PHE C 22 -5.04 12.28 35.34
CA PHE C 22 -5.30 11.34 36.42
C PHE C 22 -6.46 11.84 37.28
N TYR C 23 -7.22 10.90 37.84
CA TYR C 23 -8.29 11.26 38.75
C TYR C 23 -7.74 11.43 40.15
N ASN C 24 -7.66 12.67 40.62
CA ASN C 24 -7.21 12.94 41.98
C ASN C 24 -8.18 12.35 42.98
N ALA C 25 -7.65 11.52 43.86
CA ALA C 25 -8.48 10.93 44.91
C ALA C 25 -8.36 11.75 46.19
N LYS C 26 -7.66 12.87 46.06
CA LYS C 26 -7.38 13.78 47.15
C LYS C 26 -8.36 14.95 47.12
N ALA C 27 -8.18 15.82 46.13
CA ALA C 27 -9.22 16.74 45.72
C ALA C 27 -10.12 15.87 44.87
N GLY C 28 -11.30 16.37 44.48
CA GLY C 28 -12.31 15.54 43.86
C GLY C 28 -12.45 15.55 42.36
N LEU C 29 -11.48 16.17 41.69
CA LEU C 29 -11.53 16.39 40.25
C LEU C 29 -10.33 15.76 39.52
N CYS C 30 -10.34 15.87 38.19
CA CYS C 30 -9.27 15.36 37.34
C CYS C 30 -8.24 16.44 37.01
N GLN C 31 -6.98 16.03 36.91
CA GLN C 31 -5.90 16.96 36.63
C GLN C 31 -4.70 16.28 36.02
N THR C 32 -3.82 17.09 35.43
CA THR C 32 -2.72 16.58 34.61
C THR C 32 -1.56 16.00 35.42
N PHE C 33 -0.89 15.01 34.83
CA PHE C 33 0.33 14.46 35.38
C PHE C 33 1.25 14.04 34.23
N VAL C 34 2.53 13.85 34.52
CA VAL C 34 3.49 13.48 33.49
C VAL C 34 3.60 11.97 33.35
N TYR C 35 3.29 11.47 32.16
CA TYR C 35 3.39 10.04 31.88
C TYR C 35 4.72 9.73 31.19
N GLY C 36 5.32 8.60 31.58
CA GLY C 36 6.65 8.23 31.10
C GLY C 36 6.67 7.59 29.73
N GLY C 37 5.58 6.95 29.35
CA GLY C 37 5.50 6.32 28.03
C GLY C 37 5.11 4.85 28.05
N CYS C 38 5.52 4.15 29.12
CA CYS C 38 5.25 2.72 29.22
C CYS C 38 4.60 2.34 30.55
N ARG C 39 3.99 1.17 30.58
CA ARG C 39 3.37 0.61 31.79
C ARG C 39 2.30 1.52 32.40
N ALA C 40 1.43 2.05 31.55
CA ALA C 40 0.33 2.91 32.02
C ALA C 40 -0.65 2.11 32.87
N LYS C 41 -0.95 2.62 34.07
CA LYS C 41 -2.01 2.06 34.88
C LYS C 41 -3.35 2.54 34.33
N ARG C 42 -4.44 2.06 34.90
CA ARG C 42 -5.77 2.42 34.42
C ARG C 42 -6.12 3.85 34.80
N ASN C 43 -5.49 4.36 35.86
CA ASN C 43 -5.66 5.75 36.24
C ASN C 43 -4.80 6.66 35.37
N ASN C 44 -5.08 6.63 34.07
CA ASN C 44 -4.29 7.32 33.07
C ASN C 44 -5.13 7.59 31.83
N PHE C 45 -5.45 8.86 31.58
CA PHE C 45 -6.36 9.22 30.50
C PHE C 45 -5.73 10.20 29.52
N LYS C 46 -6.15 10.11 28.26
CA LYS C 46 -5.63 10.98 27.21
C LYS C 46 -6.39 12.29 27.16
N SER C 47 -7.40 12.43 28.01
CA SER C 47 -8.19 13.65 28.06
C SER C 47 -8.82 13.85 29.44
N ALA C 48 -9.18 15.08 29.75
CA ALA C 48 -9.89 15.39 30.98
C ALA C 48 -11.29 14.79 30.95
N GLU C 49 -11.85 14.69 29.74
CA GLU C 49 -13.17 14.12 29.54
C GLU C 49 -13.26 12.70 30.08
N ASP C 50 -12.52 11.79 29.46
CA ASP C 50 -12.53 10.37 29.82
C ASP C 50 -12.32 10.15 31.31
N CYS C 51 -11.47 10.98 31.91
CA CYS C 51 -11.20 10.92 33.34
C CYS C 51 -12.45 11.26 34.14
N MET C 52 -13.13 12.33 33.74
CA MET C 52 -14.33 12.78 34.43
C MET C 52 -15.51 11.85 34.19
N ARG C 53 -15.54 11.21 33.02
CA ARG C 53 -16.62 10.31 32.66
C ARG C 53 -16.49 8.99 33.42
N THR C 54 -15.27 8.48 33.48
CA THR C 54 -14.99 7.24 34.21
C THR C 54 -15.22 7.46 35.70
N CYS C 55 -14.81 8.62 36.20
CA CYS C 55 -15.02 8.98 37.59
C CYS C 55 -15.70 10.33 37.72
C1 GOL D . 1.88 -3.06 -1.12
O1 GOL D . 0.94 -3.22 -2.15
C2 GOL D . 1.40 -3.82 0.12
O2 GOL D . 0.52 -4.84 -0.27
C3 GOL D . 2.60 -4.42 0.84
O3 GOL D . 3.48 -3.40 1.23
#